data_2NQB
#
_entry.id   2NQB
#
_cell.length_a   106.143
_cell.length_b   109.581
_cell.length_c   182.045
_cell.angle_alpha   90.00
_cell.angle_beta   90.00
_cell.angle_gamma   90.00
#
_symmetry.space_group_name_H-M   'P 21 21 21'
#
loop_
_entity.id
_entity.type
_entity.pdbx_description
1 polymer 'alpha-satellite DNA'
2 polymer 'Histone H3'
3 polymer 'Histone H4'
4 polymer 'Histone H2A'
5 polymer 'Histone H2B'
6 water water
#
loop_
_entity_poly.entity_id
_entity_poly.type
_entity_poly.pdbx_seq_one_letter_code
_entity_poly.pdbx_strand_id
1 'polydeoxyribonucleotide'
;(DA)(DT)(DC)(DA)(DA)(DT)(DA)(DT)(DC)(DC)(DA)(DC)(DC)(DT)(DG)(DC)(DA)(DG)(DA)(DT)
(DT)(DC)(DT)(DA)(DC)(DC)(DA)(DA)(DA)(DA)(DG)(DT)(DG)(DT)(DA)(DT)(DT)(DT)(DG)(DG)
(DA)(DA)(DA)(DC)(DT)(DG)(DC)(DT)(DC)(DC)(DA)(DT)(DC)(DA)(DA)(DA)(DA)(DG)(DG)(DC)
(DA)(DT)(DG)(DT)(DT)(DC)(DA)(DG)(DC)(DG)(DG)(DA)(DA)(DT)(DT)(DC)(DC)(DG)(DC)(DT)
(DG)(DA)(DA)(DC)(DA)(DT)(DG)(DC)(DC)(DT)(DT)(DT)(DT)(DG)(DA)(DT)(DG)(DG)(DA)(DG)
(DC)(DA)(DG)(DT)(DT)(DT)(DC)(DC)(DA)(DA)(DA)(DT)(DA)(DC)(DA)(DC)(DT)(DT)(DT)(DT)
(DG)(DG)(DT)(DA)(DG)(DA)(DA)(DT)(DC)(DT)(DG)(DC)(DA)(DG)(DG)(DT)(DG)(DG)(DA)(DT)
(DA)(DT)(DT)(DG)(DA)(DT)
;
I,J
2 'polypeptide(L)'
;ARTKQTARKSTGGKAPRKQLATKAARKSAPATGGVKKPHRYRPGTVALREIRRYQKSTELLIRKLPFQRLVREIAQDFKT
DLRFQSSAVMALQEASEAYLVGLFEDTNLCAIHAKRVTIMPKDIQLARRIRGERA
;
A,E
3 'polypeptide(L)'
;ITGRGKGGKGLGKGGAKRHRKVLRDNIQGITKPAIRRLARRGGVKRISGLIYEETRGVLKVFLENVIRDAVTYTEHAKRK
TVTAMDVVYALKRQGRTLYGFGG
;
B,F
4 'polypeptide(L)'
;SGRGKGGKVKGKAKSRSNRAGLQFPVGRIHRLLRKGNYAERVGAGAPVYLAAVMEYLAAEVLELAGNAARDNKKTRIIPR
HLQLAIRNDEELNKLLSGVTIAQGGVLPNIQAVLLPKKTEKKA
;
C,G
5 'polypeptide(L)'
;IPPKTSGKAAKKAGKAQKNITKTDKKKKRKRKESYAIYIYTVLKQVHPDTGISSKAMSIMNSFVNDIFERIAAEASRLAH
YNKRSTITSREIQTAVRLLLPGELAKHAVSEGTKAVTKYTSSK
;
D,H
#
loop_
_chem_comp.id
_chem_comp.type
_chem_comp.name
_chem_comp.formula
DA DNA linking 2'-DEOXYADENOSINE-5'-MONOPHOSPHATE 'C10 H14 N5 O6 P'
DC DNA linking 2'-DEOXYCYTIDINE-5'-MONOPHOSPHATE 'C9 H14 N3 O7 P'
DG DNA linking 2'-DEOXYGUANOSINE-5'-MONOPHOSPHATE 'C10 H14 N5 O7 P'
DT DNA linking THYMIDINE-5'-MONOPHOSPHATE 'C10 H15 N2 O8 P'
#
# COMPACT_ATOMS: atom_id res chain seq x y z
N PRO C 38 -19.93 23.69 -46.30
CA PRO C 38 -18.74 24.00 -45.47
C PRO C 38 -19.08 23.92 -43.98
N HIS C 39 -19.33 22.71 -43.49
CA HIS C 39 -19.67 22.51 -42.08
C HIS C 39 -18.44 22.46 -41.19
N ARG C 40 -18.61 22.80 -39.91
CA ARG C 40 -17.50 22.80 -38.98
C ARG C 40 -17.97 22.81 -37.52
N TYR C 41 -17.55 21.80 -36.74
CA TYR C 41 -17.92 21.72 -35.33
C TYR C 41 -17.08 22.68 -34.48
N ARG C 42 -17.70 23.32 -33.49
CA ARG C 42 -16.94 24.24 -32.64
C ARG C 42 -15.97 23.54 -31.68
N PRO C 43 -14.87 24.21 -31.32
CA PRO C 43 -13.87 23.65 -30.40
C PRO C 43 -14.52 23.10 -29.15
N GLY C 44 -14.20 21.84 -28.84
CA GLY C 44 -14.75 21.20 -27.66
C GLY C 44 -15.85 20.20 -27.96
N THR C 45 -16.65 20.49 -28.97
CA THR C 45 -17.75 19.62 -29.36
C THR C 45 -17.27 18.22 -29.74
N VAL C 46 -16.23 18.14 -30.54
CA VAL C 46 -15.70 16.84 -30.95
C VAL C 46 -14.92 16.16 -29.83
N ALA C 47 -14.26 16.97 -29.00
CA ALA C 47 -13.49 16.43 -27.88
C ALA C 47 -14.48 15.75 -26.94
N LEU C 48 -15.60 16.43 -26.69
CA LEU C 48 -16.65 15.91 -25.82
C LEU C 48 -17.20 14.60 -26.40
N ARG C 49 -17.32 14.55 -27.72
CA ARG C 49 -17.82 13.37 -28.39
C ARG C 49 -16.81 12.22 -28.22
N GLU C 50 -15.52 12.55 -28.28
CA GLU C 50 -14.46 11.57 -28.12
C GLU C 50 -14.47 11.00 -26.69
N ILE C 51 -14.69 11.87 -25.71
CA ILE C 51 -14.73 11.44 -24.33
C ILE C 51 -15.83 10.41 -24.15
N ARG C 52 -17.00 10.68 -24.72
CA ARG C 52 -18.12 9.75 -24.60
C ARG C 52 -17.82 8.43 -25.30
N ARG C 53 -17.17 8.52 -26.45
CA ARG C 53 -16.82 7.35 -27.21
C ARG C 53 -15.80 6.45 -26.50
N TYR C 54 -14.72 7.06 -26.01
CA TYR C 54 -13.69 6.27 -25.37
C TYR C 54 -14.02 5.79 -23.96
N GLN C 55 -14.95 6.45 -23.29
CA GLN C 55 -15.34 6.02 -21.96
C GLN C 55 -16.32 4.86 -22.06
N LYS C 56 -16.86 4.65 -23.25
CA LYS C 56 -17.80 3.56 -23.47
C LYS C 56 -17.04 2.29 -23.81
N SER C 57 -15.99 2.44 -24.62
CA SER C 57 -15.18 1.32 -25.08
C SER C 57 -14.12 0.83 -24.09
N THR C 58 -13.51 -0.30 -24.40
CA THR C 58 -12.51 -0.88 -23.54
C THR C 58 -11.25 -1.28 -24.27
N GLU C 59 -11.22 -1.06 -25.58
CA GLU C 59 -10.05 -1.42 -26.37
C GLU C 59 -8.82 -0.62 -25.97
N LEU C 60 -7.64 -1.20 -26.20
CA LEU C 60 -6.39 -0.53 -25.89
C LEU C 60 -6.28 0.67 -26.84
N LEU C 61 -5.74 1.77 -26.34
CA LEU C 61 -5.63 3.00 -27.13
C LEU C 61 -4.27 3.33 -27.71
N ILE C 62 -3.24 2.60 -27.28
CA ILE C 62 -1.91 2.81 -27.82
C ILE C 62 -1.76 1.66 -28.82
N ARG C 63 -1.03 1.87 -29.91
CA ARG C 63 -0.85 0.81 -30.91
C ARG C 63 0.11 -0.26 -30.41
N LYS C 64 -0.21 -1.52 -30.70
CA LYS C 64 0.58 -2.67 -30.24
C LYS C 64 2.09 -2.69 -30.53
N LEU C 65 2.45 -2.73 -31.82
CA LEU C 65 3.86 -2.76 -32.20
C LEU C 65 4.70 -1.69 -31.53
N PRO C 66 4.28 -0.41 -31.62
CA PRO C 66 5.05 0.66 -30.98
C PRO C 66 5.24 0.39 -29.49
N PHE C 67 4.19 -0.09 -28.82
CA PHE C 67 4.29 -0.37 -27.41
C PHE C 67 5.27 -1.52 -27.19
N GLN C 68 5.17 -2.54 -28.03
CA GLN C 68 6.03 -3.69 -27.95
C GLN C 68 7.51 -3.28 -28.04
N ARG C 69 7.82 -2.43 -29.01
CA ARG C 69 9.19 -1.95 -29.19
C ARG C 69 9.71 -1.22 -27.96
N LEU C 70 8.85 -0.39 -27.38
CA LEU C 70 9.20 0.38 -26.20
C LEU C 70 9.52 -0.55 -25.03
N VAL C 71 8.64 -1.51 -24.80
CA VAL C 71 8.82 -2.46 -23.71
C VAL C 71 10.14 -3.23 -23.87
N ARG C 72 10.41 -3.69 -25.09
CA ARG C 72 11.63 -4.46 -25.34
C ARG C 72 12.87 -3.60 -25.15
N GLU C 73 12.80 -2.34 -25.58
CA GLU C 73 13.93 -1.42 -25.42
C GLU C 73 14.27 -1.27 -23.94
N ILE C 74 13.27 -0.94 -23.13
CA ILE C 74 13.47 -0.76 -21.69
C ILE C 74 14.00 -2.03 -21.04
N ALA C 75 13.43 -3.17 -21.40
CA ALA C 75 13.85 -4.44 -20.82
C ALA C 75 15.31 -4.74 -21.17
N GLN C 76 15.71 -4.33 -22.38
CA GLN C 76 17.06 -4.57 -22.87
C GLN C 76 18.09 -3.94 -21.94
N ASP C 77 17.71 -2.88 -21.24
CA ASP C 77 18.63 -2.21 -20.32
C ASP C 77 18.82 -2.96 -19.01
N PHE C 78 17.96 -3.93 -18.72
CA PHE C 78 18.08 -4.68 -17.46
C PHE C 78 18.71 -6.04 -17.69
N LYS C 79 18.42 -6.63 -18.84
CA LYS C 79 18.97 -7.92 -19.21
C LYS C 79 18.81 -8.05 -20.71
N THR C 80 19.89 -8.41 -21.39
CA THR C 80 19.87 -8.53 -22.85
C THR C 80 19.39 -9.88 -23.36
N ASP C 81 18.96 -9.88 -24.61
CA ASP C 81 18.49 -11.09 -25.29
C ASP C 81 17.27 -11.72 -24.62
N LEU C 82 16.30 -10.88 -24.27
CA LEU C 82 15.09 -11.38 -23.63
C LEU C 82 13.96 -11.66 -24.60
N ARG C 83 13.15 -12.64 -24.25
CA ARG C 83 11.96 -13.01 -25.02
C ARG C 83 10.76 -12.65 -24.13
N PHE C 84 9.60 -12.41 -24.75
CA PHE C 84 8.39 -12.09 -24.00
C PHE C 84 7.21 -12.94 -24.43
N GLN C 85 6.48 -13.52 -23.49
CA GLN C 85 5.27 -14.25 -23.89
C GLN C 85 4.41 -13.09 -24.40
N SER C 86 3.53 -13.33 -25.35
CA SER C 86 2.73 -12.23 -25.87
C SER C 86 1.80 -11.73 -24.76
N SER C 87 1.37 -12.63 -23.88
CA SER C 87 0.48 -12.25 -22.79
C SER C 87 1.19 -11.29 -21.82
N ALA C 88 2.53 -11.42 -21.73
CA ALA C 88 3.32 -10.54 -20.87
C ALA C 88 3.24 -9.10 -21.40
N VAL C 89 3.41 -8.94 -22.70
CA VAL C 89 3.34 -7.60 -23.28
C VAL C 89 1.92 -7.05 -23.11
N MET C 90 0.92 -7.90 -23.19
CA MET C 90 -0.46 -7.45 -23.04
C MET C 90 -0.79 -7.02 -21.62
N ALA C 91 -0.31 -7.77 -20.62
CA ALA C 91 -0.57 -7.40 -19.24
C ALA C 91 0.07 -6.01 -19.04
N LEU C 92 1.26 -5.86 -19.57
CA LEU C 92 1.99 -4.61 -19.47
C LEU C 92 1.23 -3.44 -20.12
N GLN C 93 0.58 -3.68 -21.25
CA GLN C 93 -0.12 -2.60 -21.90
C GLN C 93 -1.44 -2.26 -21.21
N GLU C 94 -2.09 -3.26 -20.64
CA GLU C 94 -3.35 -3.04 -19.92
C GLU C 94 -3.04 -2.24 -18.63
N ALA C 95 -1.99 -2.64 -17.93
CA ALA C 95 -1.61 -1.95 -16.69
C ALA C 95 -1.18 -0.50 -16.96
N SER C 96 -0.36 -0.32 -18.00
CA SER C 96 0.13 1.00 -18.39
C SER C 96 -1.02 1.92 -18.77
N GLU C 97 -1.91 1.44 -19.63
CA GLU C 97 -3.02 2.26 -20.06
C GLU C 97 -3.98 2.59 -18.92
N ALA C 98 -4.21 1.63 -18.03
CA ALA C 98 -5.10 1.87 -16.90
C ALA C 98 -4.45 2.90 -15.98
N TYR C 99 -3.13 2.82 -15.87
CA TYR C 99 -2.40 3.75 -15.03
C TYR C 99 -2.48 5.18 -15.59
N LEU C 100 -2.23 5.33 -16.89
CA LEU C 100 -2.27 6.66 -17.49
C LEU C 100 -3.66 7.27 -17.48
N VAL C 101 -4.68 6.44 -17.71
CA VAL C 101 -6.06 6.93 -17.69
C VAL C 101 -6.40 7.44 -16.28
N GLY C 102 -6.04 6.67 -15.27
CA GLY C 102 -6.29 7.06 -13.89
C GLY C 102 -5.56 8.34 -13.55
N LEU C 103 -4.34 8.50 -14.06
CA LEU C 103 -3.56 9.71 -13.83
C LEU C 103 -4.21 10.92 -14.54
N PHE C 104 -4.67 10.70 -15.77
CA PHE C 104 -5.30 11.76 -16.52
C PHE C 104 -6.56 12.23 -15.78
N GLU C 105 -7.21 11.31 -15.06
CA GLU C 105 -8.40 11.67 -14.29
C GLU C 105 -8.01 12.64 -13.16
N ASP C 106 -6.98 12.28 -12.39
CA ASP C 106 -6.52 13.13 -11.28
C ASP C 106 -5.96 14.46 -11.78
N THR C 107 -5.29 14.40 -12.92
CA THR C 107 -4.72 15.59 -13.54
C THR C 107 -5.86 16.56 -13.90
N ASN C 108 -6.95 16.00 -14.43
CA ASN C 108 -8.10 16.80 -14.82
C ASN C 108 -8.69 17.53 -13.61
N LEU C 109 -8.72 16.85 -12.46
CA LEU C 109 -9.25 17.46 -11.24
C LEU C 109 -8.34 18.62 -10.77
N CYS C 110 -7.03 18.50 -10.99
CA CYS C 110 -6.10 19.54 -10.58
C CYS C 110 -6.24 20.77 -11.47
N ALA C 111 -6.41 20.56 -12.78
CA ALA C 111 -6.59 21.67 -13.71
C ALA C 111 -7.90 22.39 -13.34
N ILE C 112 -8.96 21.61 -13.16
CA ILE C 112 -10.25 22.18 -12.79
C ILE C 112 -10.18 22.93 -11.45
N HIS C 113 -9.36 22.41 -10.54
CA HIS C 113 -9.20 23.05 -9.23
C HIS C 113 -8.63 24.46 -9.45
N ALA C 114 -7.73 24.58 -10.42
CA ALA C 114 -7.13 25.87 -10.74
C ALA C 114 -8.02 26.67 -11.70
N LYS C 115 -9.29 26.29 -11.82
CA LYS C 115 -10.24 26.98 -12.67
C LYS C 115 -9.88 26.97 -14.16
N ARG C 116 -9.32 25.86 -14.61
CA ARG C 116 -8.95 25.67 -15.99
C ARG C 116 -9.68 24.47 -16.53
N VAL C 117 -9.66 24.28 -17.84
CA VAL C 117 -10.28 23.13 -18.48
C VAL C 117 -9.23 22.49 -19.34
N THR C 118 -8.03 23.05 -19.30
CA THR C 118 -6.91 22.54 -20.08
C THR C 118 -5.88 21.96 -19.11
N ILE C 119 -5.55 20.68 -19.26
CA ILE C 119 -4.55 20.07 -18.38
C ILE C 119 -3.15 20.48 -18.83
N MET C 120 -2.28 20.71 -17.86
CA MET C 120 -0.91 21.10 -18.16
C MET C 120 0.06 20.23 -17.38
N PRO C 121 1.36 20.32 -17.71
CA PRO C 121 2.36 19.51 -17.01
C PRO C 121 2.31 19.70 -15.49
N LYS C 122 2.10 20.93 -15.06
CA LYS C 122 2.05 21.20 -13.63
C LYS C 122 0.87 20.48 -12.97
N ASP C 123 -0.14 20.12 -13.75
CA ASP C 123 -1.28 19.38 -13.18
C ASP C 123 -0.86 17.93 -12.96
N ILE C 124 -0.16 17.37 -13.95
CA ILE C 124 0.31 15.99 -13.86
C ILE C 124 1.27 15.88 -12.68
N GLN C 125 2.11 16.90 -12.52
CA GLN C 125 3.09 16.94 -11.43
C GLN C 125 2.43 17.02 -10.06
N LEU C 126 1.42 17.88 -9.93
CA LEU C 126 0.72 17.96 -8.65
C LEU C 126 0.13 16.59 -8.32
N ALA C 127 -0.64 16.03 -9.23
CA ALA C 127 -1.26 14.73 -9.02
C ALA C 127 -0.22 13.65 -8.62
N ARG C 128 0.91 13.59 -9.32
CA ARG C 128 1.92 12.61 -8.98
C ARG C 128 2.56 12.88 -7.62
N ARG C 129 2.80 14.15 -7.32
CA ARG C 129 3.38 14.49 -6.04
C ARG C 129 2.42 14.04 -4.92
N ILE C 130 1.15 14.36 -5.06
CA ILE C 130 0.19 13.98 -4.03
C ILE C 130 -0.02 12.47 -3.96
N ARG C 131 0.13 11.77 -5.08
CA ARG C 131 0.00 10.32 -5.06
C ARG C 131 1.19 9.69 -4.35
N GLY C 132 2.28 10.46 -4.21
CA GLY C 132 3.46 9.94 -3.57
C GLY C 132 4.39 9.26 -4.57
N GLU C 133 4.16 9.53 -5.85
CA GLU C 133 4.98 8.92 -6.89
C GLU C 133 6.17 9.84 -7.15
N ARG C 134 5.99 11.11 -6.79
CA ARG C 134 7.01 12.13 -7.00
C ARG C 134 7.75 12.39 -5.70
N ALA C 135 6.99 12.51 -4.61
CA ALA C 135 7.56 12.77 -3.29
C ALA C 135 6.46 12.75 -2.22
N LEU D 23 14.43 9.31 -38.63
CA LEU D 23 13.62 8.07 -38.77
C LEU D 23 12.69 7.85 -37.59
N ARG D 24 13.24 7.61 -36.39
CA ARG D 24 12.41 7.39 -35.20
C ARG D 24 13.12 7.08 -33.87
N ASP D 25 12.32 7.03 -32.82
CA ASP D 25 12.73 6.73 -31.45
C ASP D 25 11.53 6.00 -30.84
N ASN D 26 11.81 4.94 -30.07
CA ASN D 26 10.74 4.14 -29.48
C ASN D 26 9.68 4.83 -28.64
N ILE D 27 10.10 5.62 -27.66
CA ILE D 27 9.13 6.32 -26.83
C ILE D 27 8.26 7.26 -27.67
N GLN D 28 8.79 7.73 -28.78
CA GLN D 28 8.02 8.61 -29.66
C GLN D 28 6.98 7.79 -30.42
N GLY D 29 7.05 6.47 -30.25
CA GLY D 29 6.10 5.60 -30.91
C GLY D 29 4.75 5.80 -30.25
N ILE D 30 4.77 6.27 -29.00
CA ILE D 30 3.53 6.54 -28.28
C ILE D 30 3.16 7.90 -28.83
N THR D 31 2.30 7.89 -29.84
CA THR D 31 1.90 9.11 -30.53
C THR D 31 0.93 10.04 -29.83
N LYS D 32 0.98 11.30 -30.26
CA LYS D 32 0.12 12.33 -29.74
C LYS D 32 -1.34 11.87 -29.73
N PRO D 33 -1.81 11.29 -30.84
CA PRO D 33 -3.21 10.83 -30.89
C PRO D 33 -3.51 9.73 -29.88
N ALA D 34 -2.55 8.84 -29.64
CA ALA D 34 -2.76 7.76 -28.70
C ALA D 34 -2.86 8.33 -27.31
N ILE D 35 -2.03 9.33 -27.04
CA ILE D 35 -2.03 9.98 -25.73
C ILE D 35 -3.35 10.73 -25.55
N ARG D 36 -3.81 11.38 -26.62
CA ARG D 36 -5.06 12.12 -26.59
C ARG D 36 -6.19 11.15 -26.27
N ARG D 37 -6.17 9.97 -26.89
CA ARG D 37 -7.21 8.98 -26.65
C ARG D 37 -7.24 8.59 -25.17
N LEU D 38 -6.08 8.37 -24.56
CA LEU D 38 -6.02 7.99 -23.15
C LEU D 38 -6.64 9.10 -22.29
N ALA D 39 -6.26 10.34 -22.57
CA ALA D 39 -6.77 11.48 -21.83
C ALA D 39 -8.29 11.54 -21.98
N ARG D 40 -8.78 11.26 -23.18
CA ARG D 40 -10.21 11.29 -23.44
C ARG D 40 -10.91 10.27 -22.54
N ARG D 41 -10.40 9.04 -22.50
CA ARG D 41 -11.01 8.03 -21.64
C ARG D 41 -10.90 8.51 -20.20
N GLY D 42 -9.93 9.38 -19.94
CA GLY D 42 -9.74 9.93 -18.61
C GLY D 42 -10.63 11.15 -18.37
N GLY D 43 -11.47 11.47 -19.33
CA GLY D 43 -12.38 12.61 -19.20
C GLY D 43 -11.79 13.98 -19.46
N VAL D 44 -10.61 14.04 -20.07
CA VAL D 44 -9.99 15.34 -20.34
C VAL D 44 -10.49 15.98 -21.64
N LYS D 45 -10.83 17.27 -21.57
CA LYS D 45 -11.37 17.97 -22.73
C LYS D 45 -10.39 18.83 -23.55
N ARG D 46 -9.47 19.53 -22.88
CA ARG D 46 -8.47 20.38 -23.55
C ARG D 46 -7.08 19.98 -23.10
N ILE D 47 -6.15 19.85 -24.03
CA ILE D 47 -4.80 19.42 -23.73
C ILE D 47 -3.70 20.38 -24.20
N SER D 48 -2.79 20.77 -23.32
CA SER D 48 -1.73 21.69 -23.72
C SER D 48 -0.66 20.88 -24.47
N GLY D 49 0.05 21.54 -25.38
CA GLY D 49 1.06 20.87 -26.17
C GLY D 49 2.17 20.18 -25.40
N LEU D 50 2.52 20.71 -24.24
CA LEU D 50 3.59 20.14 -23.43
C LEU D 50 3.22 18.83 -22.73
N ILE D 51 1.94 18.50 -22.73
CA ILE D 51 1.46 17.28 -22.09
C ILE D 51 2.07 16.02 -22.69
N TYR D 52 2.15 15.97 -24.01
CA TYR D 52 2.66 14.79 -24.71
C TYR D 52 4.04 14.31 -24.24
N GLU D 53 4.99 15.22 -24.13
CA GLU D 53 6.32 14.84 -23.69
C GLU D 53 6.33 14.52 -22.19
N GLU D 54 5.48 15.21 -21.43
CA GLU D 54 5.38 14.96 -19.99
C GLU D 54 4.84 13.53 -19.79
N THR D 55 3.84 13.17 -20.59
CA THR D 55 3.23 11.86 -20.50
C THR D 55 4.20 10.73 -20.84
N ARG D 56 4.95 10.90 -21.92
CA ARG D 56 5.92 9.90 -22.34
C ARG D 56 6.91 9.65 -21.21
N GLY D 57 7.37 10.72 -20.58
CA GLY D 57 8.31 10.56 -19.49
C GLY D 57 7.68 9.79 -18.33
N VAL D 58 6.41 10.07 -18.07
CA VAL D 58 5.71 9.40 -16.98
C VAL D 58 5.53 7.92 -17.34
N LEU D 59 5.16 7.64 -18.59
CA LEU D 59 4.98 6.26 -19.01
C LEU D 59 6.29 5.50 -18.95
N LYS D 60 7.39 6.17 -19.33
CA LYS D 60 8.70 5.53 -19.29
C LYS D 60 9.08 5.13 -17.87
N VAL D 61 8.83 6.00 -16.90
CA VAL D 61 9.14 5.70 -15.50
C VAL D 61 8.28 4.54 -15.01
N PHE D 62 6.99 4.55 -15.35
CA PHE D 62 6.10 3.48 -14.95
C PHE D 62 6.63 2.12 -15.50
N LEU D 63 6.96 2.07 -16.78
CA LEU D 63 7.44 0.83 -17.36
C LEU D 63 8.80 0.39 -16.80
N GLU D 64 9.73 1.32 -16.65
CA GLU D 64 11.02 0.96 -16.10
C GLU D 64 10.83 0.25 -14.75
N ASN D 65 10.03 0.85 -13.87
CA ASN D 65 9.79 0.27 -12.56
C ASN D 65 9.16 -1.11 -12.56
N VAL D 66 8.15 -1.32 -13.39
CA VAL D 66 7.48 -2.61 -13.44
C VAL D 66 8.35 -3.65 -14.16
N ILE D 67 8.97 -3.24 -15.27
CA ILE D 67 9.79 -4.15 -16.05
C ILE D 67 11.02 -4.59 -15.27
N ARG D 68 11.62 -3.66 -14.54
CA ARG D 68 12.79 -3.99 -13.73
C ARG D 68 12.39 -5.14 -12.81
N ASP D 69 11.26 -5.00 -12.13
CA ASP D 69 10.80 -6.05 -11.22
C ASP D 69 10.43 -7.33 -11.96
N ALA D 70 9.75 -7.21 -13.10
CA ALA D 70 9.37 -8.38 -13.89
C ALA D 70 10.63 -9.17 -14.31
N VAL D 71 11.62 -8.45 -14.81
CA VAL D 71 12.86 -9.08 -15.25
C VAL D 71 13.59 -9.72 -14.08
N THR D 72 13.51 -9.09 -12.92
CA THR D 72 14.15 -9.66 -11.75
C THR D 72 13.52 -11.00 -11.39
N TYR D 73 12.22 -11.14 -11.59
CA TYR D 73 11.58 -12.41 -11.31
C TYR D 73 12.01 -13.42 -12.37
N THR D 74 12.16 -12.94 -13.60
CA THR D 74 12.59 -13.80 -14.71
C THR D 74 13.95 -14.41 -14.40
N GLU D 75 14.92 -13.55 -14.14
CA GLU D 75 16.28 -14.00 -13.82
C GLU D 75 16.27 -14.96 -12.64
N HIS D 76 15.49 -14.65 -11.61
CA HIS D 76 15.48 -15.52 -10.48
C HIS D 76 15.04 -16.93 -10.86
N ALA D 77 14.12 -17.03 -11.81
CA ALA D 77 13.64 -18.34 -12.24
C ALA D 77 14.52 -18.93 -13.33
N LYS D 78 15.66 -18.28 -13.59
CA LYS D 78 16.59 -18.75 -14.60
C LYS D 78 15.97 -18.89 -16.00
N ARG D 79 15.12 -17.94 -16.37
CA ARG D 79 14.49 -17.98 -17.68
C ARG D 79 15.05 -16.84 -18.53
N LYS D 80 14.74 -16.88 -19.82
CA LYS D 80 15.15 -15.83 -20.75
C LYS D 80 13.89 -15.24 -21.35
N THR D 81 12.75 -15.72 -20.85
CA THR D 81 11.45 -15.26 -21.32
C THR D 81 10.61 -14.66 -20.18
N VAL D 82 10.17 -13.43 -20.39
CA VAL D 82 9.35 -12.74 -19.40
C VAL D 82 7.93 -13.27 -19.51
N THR D 83 7.43 -13.90 -18.45
CA THR D 83 6.06 -14.44 -18.49
C THR D 83 5.02 -13.42 -17.99
N ALA D 84 3.75 -13.68 -18.27
CA ALA D 84 2.69 -12.80 -17.83
C ALA D 84 2.71 -12.78 -16.30
N MET D 85 2.98 -13.93 -15.68
CA MET D 85 3.02 -14.00 -14.23
C MET D 85 4.14 -13.12 -13.67
N ASP D 86 5.28 -13.07 -14.34
CA ASP D 86 6.37 -12.21 -13.88
C ASP D 86 5.83 -10.78 -13.82
N VAL D 87 5.09 -10.38 -14.85
CA VAL D 87 4.52 -9.03 -14.91
C VAL D 87 3.46 -8.82 -13.82
N VAL D 88 2.58 -9.81 -13.67
CA VAL D 88 1.53 -9.77 -12.66
C VAL D 88 2.13 -9.65 -11.25
N TYR D 89 3.16 -10.43 -10.97
CA TYR D 89 3.80 -10.37 -9.66
C TYR D 89 4.48 -9.01 -9.46
N ALA D 90 5.07 -8.48 -10.52
CA ALA D 90 5.74 -7.19 -10.41
C ALA D 90 4.74 -6.08 -10.18
N LEU D 91 3.59 -6.16 -10.84
CA LEU D 91 2.55 -5.14 -10.70
C LEU D 91 1.95 -5.22 -9.30
N LYS D 92 1.80 -6.43 -8.79
CA LYS D 92 1.23 -6.61 -7.46
C LYS D 92 2.10 -6.01 -6.39
N ARG D 93 3.41 -6.19 -6.49
CA ARG D 93 4.29 -5.62 -5.47
C ARG D 93 4.46 -4.11 -5.66
N GLN D 94 4.12 -3.59 -6.84
CA GLN D 94 4.19 -2.14 -7.08
C GLN D 94 2.84 -1.56 -6.63
N GLY D 95 1.97 -2.43 -6.12
CA GLY D 95 0.65 -2.01 -5.69
C GLY D 95 -0.34 -1.77 -6.82
N ARG D 96 -0.08 -2.38 -7.98
CA ARG D 96 -0.95 -2.23 -9.16
C ARG D 96 -1.56 -3.57 -9.58
N THR D 97 -2.19 -4.28 -8.65
CA THR D 97 -2.81 -5.57 -8.93
C THR D 97 -3.60 -5.62 -10.23
N LEU D 98 -3.27 -6.58 -11.09
CA LEU D 98 -3.94 -6.73 -12.37
C LEU D 98 -4.64 -8.08 -12.47
N TYR D 99 -5.95 -8.07 -12.75
CA TYR D 99 -6.71 -9.32 -12.88
C TYR D 99 -6.84 -9.67 -14.36
N GLY D 100 -6.88 -10.96 -14.65
CA GLY D 100 -7.05 -11.41 -16.01
C GLY D 100 -5.86 -12.02 -16.73
N PHE D 101 -4.75 -12.21 -16.03
CA PHE D 101 -3.58 -12.77 -16.70
C PHE D 101 -2.89 -13.83 -15.86
N GLY D 102 -3.64 -14.50 -15.01
CA GLY D 102 -3.07 -15.53 -14.17
C GLY D 102 -3.02 -15.03 -12.75
N GLY D 103 -2.81 -15.95 -11.81
CA GLY D 103 -2.78 -15.56 -10.41
C GLY D 103 -4.07 -14.90 -9.97
N ALA E 13 35.23 -23.60 19.42
CA ALA E 13 33.90 -23.54 18.72
C ALA E 13 33.53 -22.08 18.45
N LYS E 14 33.30 -21.75 17.18
CA LYS E 14 32.95 -20.39 16.81
C LYS E 14 31.47 -20.13 16.54
N SER E 15 31.04 -18.91 16.84
CA SER E 15 29.66 -18.52 16.61
C SER E 15 29.49 -18.32 15.11
N ARG E 16 28.28 -18.52 14.62
CA ARG E 16 28.05 -18.35 13.19
C ARG E 16 28.22 -16.87 12.81
N SER E 17 27.91 -15.97 13.73
CA SER E 17 28.07 -14.56 13.42
C SER E 17 29.55 -14.26 13.19
N ASN E 18 30.39 -14.82 14.07
CA ASN E 18 31.83 -14.63 13.98
C ASN E 18 32.37 -15.20 12.67
N ARG E 19 31.98 -16.43 12.35
CA ARG E 19 32.42 -17.06 11.11
C ARG E 19 31.99 -16.22 9.91
N ALA E 20 30.87 -15.53 10.05
CA ALA E 20 30.39 -14.70 8.94
C ALA E 20 31.05 -13.32 8.94
N GLY E 21 31.66 -12.94 10.05
CA GLY E 21 32.30 -11.63 10.16
C GLY E 21 31.22 -10.58 10.39
N LEU E 22 30.22 -10.94 11.20
CA LEU E 22 29.10 -10.04 11.49
C LEU E 22 28.85 -9.78 12.97
N GLN E 23 28.23 -8.65 13.26
CA GLN E 23 27.88 -8.29 14.63
C GLN E 23 26.47 -8.80 14.89
N PHE E 24 25.60 -8.67 13.89
CA PHE E 24 24.21 -9.14 14.02
C PHE E 24 24.16 -10.67 14.15
N PRO E 25 23.31 -11.18 15.06
CA PRO E 25 23.09 -12.60 15.40
C PRO E 25 22.54 -13.54 14.35
N VAL E 26 23.43 -14.21 13.63
CA VAL E 26 23.02 -15.15 12.60
C VAL E 26 22.10 -16.24 13.18
N GLY E 27 22.48 -16.81 14.32
CA GLY E 27 21.70 -17.87 14.92
C GLY E 27 20.27 -17.48 15.23
N ARG E 28 20.11 -16.28 15.79
CA ARG E 28 18.79 -15.78 16.14
C ARG E 28 17.96 -15.56 14.89
N ILE E 29 18.59 -14.98 13.88
CA ILE E 29 17.90 -14.70 12.63
C ILE E 29 17.50 -16.01 11.93
N HIS E 30 18.36 -17.03 12.02
CA HIS E 30 18.05 -18.32 11.40
C HIS E 30 16.79 -18.87 12.09
N ARG E 31 16.75 -18.72 13.40
CA ARG E 31 15.63 -19.20 14.19
C ARG E 31 14.35 -18.42 13.89
N LEU E 32 14.47 -17.12 13.65
CA LEU E 32 13.31 -16.30 13.36
C LEU E 32 12.74 -16.66 12.00
N LEU E 33 13.62 -17.01 11.06
CA LEU E 33 13.18 -17.40 9.73
C LEU E 33 12.44 -18.76 9.78
N ARG E 34 12.96 -19.69 10.56
CA ARG E 34 12.35 -21.03 10.70
C ARG E 34 10.97 -20.97 11.34
N LYS E 35 10.83 -20.10 12.33
CA LYS E 35 9.57 -19.98 13.07
C LYS E 35 8.54 -19.07 12.44
N GLY E 36 8.97 -18.21 11.52
CA GLY E 36 8.06 -17.27 10.91
C GLY E 36 7.17 -17.72 9.76
N ASN E 37 7.12 -19.02 9.51
CA ASN E 37 6.28 -19.55 8.42
C ASN E 37 6.57 -18.88 7.09
N TYR E 38 7.83 -18.93 6.67
CA TYR E 38 8.19 -18.32 5.40
C TYR E 38 8.38 -19.39 4.36
N ALA E 39 8.86 -20.56 4.79
CA ALA E 39 9.06 -21.67 3.89
C ALA E 39 9.22 -22.98 4.67
N GLU E 40 9.08 -24.11 4.00
CA GLU E 40 9.23 -25.35 4.73
C GLU E 40 10.68 -25.48 5.18
N ARG E 41 11.60 -24.96 4.37
CA ARG E 41 13.01 -25.08 4.70
C ARG E 41 13.78 -23.78 4.54
N VAL E 42 14.76 -23.59 5.40
CA VAL E 42 15.60 -22.41 5.36
C VAL E 42 17.05 -22.87 5.33
N GLY E 43 17.76 -22.53 4.25
CA GLY E 43 19.15 -22.93 4.14
C GLY E 43 20.06 -22.15 5.08
N ALA E 44 21.25 -22.72 5.31
CA ALA E 44 22.25 -22.11 6.21
C ALA E 44 22.73 -20.72 5.78
N GLY E 45 22.80 -20.49 4.47
CA GLY E 45 23.25 -19.19 3.99
C GLY E 45 22.23 -18.07 4.07
N ALA E 46 20.94 -18.41 4.05
CA ALA E 46 19.90 -17.40 4.11
C ALA E 46 20.03 -16.45 5.29
N PRO E 47 20.15 -16.99 6.51
CA PRO E 47 20.28 -16.11 7.67
C PRO E 47 21.57 -15.28 7.73
N VAL E 48 22.62 -15.79 7.11
CA VAL E 48 23.90 -15.09 7.07
C VAL E 48 23.75 -13.87 6.18
N TYR E 49 23.19 -14.09 5.01
CA TYR E 49 22.98 -13.01 4.05
C TYR E 49 22.03 -11.97 4.63
N LEU E 50 20.93 -12.43 5.22
CA LEU E 50 19.93 -11.52 5.80
C LEU E 50 20.49 -10.67 6.93
N ALA E 51 21.27 -11.29 7.82
CA ALA E 51 21.88 -10.56 8.94
C ALA E 51 22.86 -9.50 8.44
N ALA E 52 23.60 -9.84 7.38
CA ALA E 52 24.56 -8.91 6.80
C ALA E 52 23.83 -7.70 6.22
N VAL E 53 22.72 -7.95 5.54
CA VAL E 53 21.96 -6.86 4.96
C VAL E 53 21.36 -5.98 6.07
N MET E 54 20.80 -6.62 7.09
CA MET E 54 20.20 -5.91 8.20
C MET E 54 21.24 -5.04 8.88
N GLU E 55 22.43 -5.62 9.09
CA GLU E 55 23.52 -4.90 9.72
C GLU E 55 23.96 -3.72 8.86
N TYR E 56 24.06 -3.93 7.55
CA TYR E 56 24.48 -2.87 6.63
C TYR E 56 23.46 -1.71 6.61
N LEU E 57 22.18 -2.05 6.63
CA LEU E 57 21.15 -1.01 6.61
C LEU E 57 21.15 -0.23 7.93
N ALA E 58 21.38 -0.93 9.03
CA ALA E 58 21.42 -0.26 10.32
C ALA E 58 22.62 0.69 10.36
N ALA E 59 23.76 0.23 9.84
CA ALA E 59 24.99 1.05 9.81
C ALA E 59 24.78 2.34 9.02
N GLU E 60 24.15 2.21 7.86
CA GLU E 60 23.88 3.34 6.99
C GLU E 60 22.98 4.39 7.67
N VAL E 61 21.95 3.91 8.37
CA VAL E 61 21.06 4.81 9.07
C VAL E 61 21.77 5.47 10.25
N LEU E 62 22.52 4.68 11.02
CA LEU E 62 23.22 5.22 12.19
C LEU E 62 24.32 6.20 11.78
N GLU E 63 24.94 5.97 10.63
CA GLU E 63 25.98 6.85 10.16
C GLU E 63 25.33 8.22 9.90
N LEU E 64 24.23 8.21 9.17
CA LEU E 64 23.52 9.46 8.84
C LEU E 64 22.91 10.14 10.05
N ALA E 65 22.35 9.37 10.98
CA ALA E 65 21.74 9.97 12.16
C ALA E 65 22.80 10.61 13.05
N GLY E 66 23.94 9.94 13.20
CA GLY E 66 25.01 10.48 14.00
C GLY E 66 25.50 11.79 13.41
N ASN E 67 25.54 11.88 12.08
CA ASN E 67 25.96 13.12 11.46
C ASN E 67 24.91 14.21 11.74
N ALA E 68 23.64 13.83 11.72
CA ALA E 68 22.59 14.80 11.99
C ALA E 68 22.70 15.28 13.44
N ALA E 69 23.07 14.38 14.33
CA ALA E 69 23.21 14.75 15.73
C ALA E 69 24.38 15.71 15.88
N ARG E 70 25.49 15.42 15.20
CA ARG E 70 26.65 16.31 15.29
C ARG E 70 26.29 17.69 14.77
N ASP E 71 25.56 17.75 13.65
CA ASP E 71 25.15 19.03 13.08
C ASP E 71 24.31 19.85 14.09
N ASN E 72 23.61 19.17 14.99
CA ASN E 72 22.79 19.86 15.98
C ASN E 72 23.56 20.01 17.29
N LYS E 73 24.86 19.76 17.21
CA LYS E 73 25.73 19.87 18.36
C LYS E 73 25.31 18.98 19.51
N LYS E 74 24.86 17.78 19.19
CA LYS E 74 24.43 16.81 20.19
C LYS E 74 25.32 15.59 20.13
N THR E 75 25.45 14.91 21.26
CA THR E 75 26.27 13.72 21.34
C THR E 75 25.38 12.48 21.30
N ARG E 76 24.14 12.65 21.71
CA ARG E 76 23.19 11.55 21.74
C ARG E 76 22.14 11.57 20.62
N ILE E 77 22.08 10.49 19.85
CA ILE E 77 21.09 10.40 18.78
C ILE E 77 19.69 10.29 19.37
N ILE E 78 18.77 11.12 18.90
CA ILE E 78 17.37 11.09 19.33
C ILE E 78 16.47 10.86 18.10
N PRO E 79 15.16 10.57 18.30
CA PRO E 79 14.28 10.34 17.15
C PRO E 79 14.38 11.38 16.05
N ARG E 80 14.45 12.65 16.42
CA ARG E 80 14.57 13.70 15.42
C ARG E 80 15.77 13.52 14.51
N HIS E 81 16.90 13.05 15.07
CA HIS E 81 18.11 12.83 14.28
C HIS E 81 17.90 11.70 13.28
N LEU E 82 17.19 10.65 13.69
CA LEU E 82 16.91 9.54 12.80
C LEU E 82 16.01 10.04 11.68
N GLN E 83 15.05 10.89 12.03
CA GLN E 83 14.12 11.43 11.04
C GLN E 83 14.84 12.30 10.00
N LEU E 84 15.74 13.17 10.46
CA LEU E 84 16.49 14.02 9.52
C LEU E 84 17.40 13.19 8.62
N ALA E 85 18.04 12.17 9.20
CA ALA E 85 18.92 11.32 8.42
C ALA E 85 18.16 10.65 7.30
N ILE E 86 17.00 10.09 7.65
CA ILE E 86 16.18 9.40 6.67
C ILE E 86 15.54 10.30 5.61
N ARG E 87 14.93 11.41 6.01
CA ARG E 87 14.29 12.25 5.03
C ARG E 87 15.26 13.02 4.14
N ASN E 88 16.48 13.26 4.61
CA ASN E 88 17.44 13.97 3.77
C ASN E 88 18.19 13.02 2.84
N ASP E 89 17.94 11.71 2.98
CA ASP E 89 18.60 10.73 2.12
C ASP E 89 17.60 10.15 1.15
N GLU E 90 17.81 10.44 -0.12
CA GLU E 90 16.93 10.00 -1.19
C GLU E 90 16.54 8.52 -1.11
N GLU E 91 17.52 7.62 -1.02
CA GLU E 91 17.19 6.20 -0.99
C GLU E 91 16.51 5.73 0.30
N LEU E 92 16.98 6.20 1.45
CA LEU E 92 16.34 5.81 2.69
C LEU E 92 14.94 6.42 2.72
N ASN E 93 14.80 7.62 2.19
CA ASN E 93 13.49 8.24 2.18
C ASN E 93 12.51 7.41 1.36
N LYS E 94 12.98 6.86 0.24
CA LYS E 94 12.09 6.02 -0.55
C LYS E 94 11.84 4.69 0.15
N LEU E 95 12.90 4.04 0.62
CA LEU E 95 12.73 2.75 1.30
C LEU E 95 11.74 2.88 2.45
N LEU E 96 11.81 3.99 3.18
CA LEU E 96 10.95 4.19 4.32
C LEU E 96 9.82 5.21 4.08
N SER E 97 9.32 5.28 2.85
CA SER E 97 8.26 6.23 2.53
C SER E 97 6.94 6.02 3.27
N GLY E 98 6.63 4.77 3.62
CA GLY E 98 5.40 4.52 4.35
C GLY E 98 5.61 4.52 5.86
N VAL E 99 6.77 4.99 6.31
CA VAL E 99 7.06 4.98 7.73
C VAL E 99 6.91 6.30 8.45
N THR E 100 6.43 6.23 9.69
CA THR E 100 6.28 7.40 10.52
C THR E 100 7.17 7.17 11.73
N ILE E 101 8.05 8.11 12.01
CA ILE E 101 8.95 8.02 13.14
C ILE E 101 8.41 8.89 14.28
N ALA E 102 8.04 8.27 15.38
CA ALA E 102 7.52 9.02 16.52
C ALA E 102 8.53 10.05 17.01
N GLN E 103 8.05 11.26 17.31
CA GLN E 103 8.89 12.33 17.80
C GLN E 103 10.00 12.73 16.82
N GLY E 104 9.72 12.51 15.55
CA GLY E 104 10.68 12.83 14.53
C GLY E 104 10.46 14.19 13.88
N GLY E 105 9.21 14.68 13.90
CA GLY E 105 8.90 15.96 13.28
C GLY E 105 9.05 15.90 11.77
N VAL E 106 9.27 17.03 11.13
CA VAL E 106 9.41 17.07 9.68
C VAL E 106 10.62 17.92 9.28
N LEU E 107 10.96 17.90 8.00
CA LEU E 107 12.08 18.71 7.51
C LEU E 107 11.65 20.16 7.34
N PRO E 108 12.52 21.12 7.71
CA PRO E 108 12.10 22.51 7.52
C PRO E 108 11.91 22.71 6.03
N ASN E 109 10.77 23.24 5.62
CA ASN E 109 10.52 23.41 4.20
C ASN E 109 9.36 24.35 4.02
N ILE E 110 9.65 25.52 3.45
CA ILE E 110 8.63 26.53 3.22
C ILE E 110 8.54 26.83 1.73
N GLN E 111 7.37 26.60 1.15
CA GLN E 111 7.15 26.87 -0.27
C GLN E 111 7.60 28.30 -0.57
N ALA E 112 8.39 28.45 -1.64
CA ALA E 112 8.93 29.75 -2.04
C ALA E 112 7.91 30.88 -2.14
N VAL E 113 6.77 30.62 -2.77
CA VAL E 113 5.73 31.64 -2.94
C VAL E 113 5.25 32.24 -1.63
N LEU E 114 5.45 31.51 -0.52
CA LEU E 114 5.01 31.98 0.80
C LEU E 114 5.88 33.05 1.44
N LEU E 115 7.13 33.15 1.01
CA LEU E 115 8.05 34.16 1.54
C LEU E 115 7.63 35.57 1.15
N PRO E 116 7.93 36.55 2.00
CA PRO E 116 7.59 37.97 1.78
C PRO E 116 8.40 38.67 0.67
N LYS E 117 8.19 39.98 0.55
CA LYS E 117 8.85 40.83 -0.44
C LYS E 117 8.95 40.21 -1.84
N LYS E 118 9.97 40.65 -2.59
CA LYS E 118 10.19 40.16 -3.94
C LYS E 118 11.68 40.18 -4.29
N ARG F 29 11.11 -14.69 36.19
CA ARG F 29 11.86 -14.10 35.05
C ARG F 29 10.94 -13.55 33.96
N LYS F 30 11.46 -12.58 33.22
CA LYS F 30 10.73 -11.95 32.12
C LYS F 30 11.77 -11.51 31.08
N ARG F 31 11.80 -12.22 29.96
CA ARG F 31 12.76 -11.95 28.90
C ARG F 31 12.20 -11.65 27.50
N LYS F 32 12.59 -10.52 26.94
CA LYS F 32 12.17 -10.11 25.59
C LYS F 32 13.40 -9.73 24.78
N GLU F 33 13.61 -10.42 23.65
CA GLU F 33 14.77 -10.16 22.82
C GLU F 33 14.67 -8.88 21.98
N SER F 34 15.82 -8.39 21.53
CA SER F 34 15.85 -7.21 20.68
C SER F 34 17.24 -7.09 20.08
N TYR F 35 17.35 -6.27 19.04
CA TYR F 35 18.64 -6.08 18.39
C TYR F 35 19.44 -4.96 19.01
N ALA F 36 18.94 -4.39 20.10
CA ALA F 36 19.60 -3.28 20.77
C ALA F 36 21.12 -3.37 20.98
N ILE F 37 21.61 -4.47 21.54
CA ILE F 37 23.05 -4.57 21.76
C ILE F 37 23.85 -4.63 20.45
N TYR F 38 23.26 -5.23 19.42
CA TYR F 38 23.96 -5.29 18.15
C TYR F 38 23.89 -3.92 17.49
N ILE F 39 22.78 -3.23 17.65
CA ILE F 39 22.65 -1.90 17.07
C ILE F 39 23.69 -1.01 17.75
N TYR F 40 23.80 -1.14 19.07
CA TYR F 40 24.76 -0.34 19.83
C TYR F 40 26.21 -0.58 19.37
N THR F 41 26.58 -1.83 19.13
CA THR F 41 27.93 -2.13 18.67
C THR F 41 28.17 -1.45 17.33
N VAL F 42 27.23 -1.58 16.41
CA VAL F 42 27.40 -0.96 15.11
C VAL F 42 27.47 0.57 15.23
N LEU F 43 26.70 1.14 16.15
CA LEU F 43 26.75 2.58 16.32
C LEU F 43 28.18 3.00 16.71
N LYS F 44 28.78 2.27 17.65
CA LYS F 44 30.14 2.59 18.09
C LYS F 44 31.18 2.43 16.99
N GLN F 45 30.90 1.60 16.00
CA GLN F 45 31.84 1.42 14.89
C GLN F 45 31.81 2.61 13.95
N VAL F 46 30.65 3.22 13.76
CA VAL F 46 30.53 4.37 12.87
C VAL F 46 30.71 5.70 13.58
N HIS F 47 30.33 5.77 14.84
CA HIS F 47 30.47 6.99 15.62
C HIS F 47 30.89 6.62 17.03
N PRO F 48 32.20 6.41 17.22
CA PRO F 48 32.76 6.02 18.52
C PRO F 48 32.32 6.84 19.73
N ASP F 49 32.13 8.15 19.56
CA ASP F 49 31.73 8.97 20.70
C ASP F 49 30.29 9.51 20.67
N THR F 50 29.38 8.75 20.07
CA THR F 50 27.99 9.17 20.01
C THR F 50 27.13 8.18 20.77
N GLY F 51 26.14 8.66 21.50
CA GLY F 51 25.26 7.75 22.21
C GLY F 51 23.91 7.65 21.51
N ILE F 52 22.92 7.04 22.17
CA ILE F 52 21.60 6.93 21.57
C ILE F 52 20.56 6.83 22.68
N SER F 53 19.50 7.61 22.58
CA SER F 53 18.47 7.59 23.61
C SER F 53 17.69 6.30 23.46
N SER F 54 16.99 5.88 24.51
CA SER F 54 16.24 4.64 24.45
C SER F 54 15.14 4.70 23.38
N LYS F 55 14.52 5.87 23.22
CA LYS F 55 13.49 6.01 22.21
C LYS F 55 14.04 5.82 20.80
N ALA F 56 15.20 6.43 20.52
CA ALA F 56 15.83 6.26 19.20
C ALA F 56 16.22 4.80 19.03
N MET F 57 16.69 4.16 20.09
CA MET F 57 17.06 2.75 20.00
C MET F 57 15.81 1.93 19.69
N SER F 58 14.69 2.32 20.28
CA SER F 58 13.44 1.61 20.02
C SER F 58 13.07 1.75 18.54
N ILE F 59 13.23 2.96 18.00
CA ILE F 59 12.99 3.17 16.57
C ILE F 59 13.96 2.32 15.71
N MET F 60 15.22 2.21 16.12
CA MET F 60 16.18 1.42 15.35
C MET F 60 15.80 -0.07 15.42
N ASN F 61 15.30 -0.50 16.58
CA ASN F 61 14.89 -1.89 16.73
C ASN F 61 13.69 -2.19 15.82
N SER F 62 12.73 -1.28 15.77
CA SER F 62 11.58 -1.43 14.88
C SER F 62 12.03 -1.46 13.41
N PHE F 63 13.02 -0.64 13.07
CA PHE F 63 13.53 -0.57 11.69
C PHE F 63 14.17 -1.90 11.26
N VAL F 64 15.03 -2.46 12.10
CA VAL F 64 15.69 -3.73 11.79
C VAL F 64 14.64 -4.84 11.63
N ASN F 65 13.64 -4.86 12.51
CA ASN F 65 12.57 -5.87 12.43
C ASN F 65 11.74 -5.69 11.18
N ASP F 66 11.52 -4.43 10.80
CA ASP F 66 10.72 -4.13 9.62
C ASP F 66 11.46 -4.66 8.38
N ILE F 67 12.77 -4.41 8.32
CA ILE F 67 13.60 -4.89 7.21
C ILE F 67 13.59 -6.41 7.12
N PHE F 68 13.77 -7.06 8.26
CA PHE F 68 13.76 -8.52 8.34
C PHE F 68 12.45 -9.08 7.73
N GLU F 69 11.32 -8.57 8.20
CA GLU F 69 9.99 -9.02 7.74
C GLU F 69 9.79 -8.77 6.24
N ARG F 70 10.15 -7.58 5.75
CA ARG F 70 9.96 -7.33 4.33
C ARG F 70 10.78 -8.28 3.48
N ILE F 71 12.06 -8.46 3.83
CA ILE F 71 12.90 -9.35 3.04
C ILE F 71 12.42 -10.80 3.16
N ALA F 72 12.11 -11.25 4.37
CA ALA F 72 11.64 -12.63 4.55
C ALA F 72 10.34 -12.90 3.79
N ALA F 73 9.39 -11.97 3.87
CA ALA F 73 8.11 -12.18 3.18
C ALA F 73 8.33 -12.22 1.69
N GLU F 74 9.18 -11.32 1.19
CA GLU F 74 9.50 -11.30 -0.23
C GLU F 74 10.19 -12.60 -0.66
N ALA F 75 11.08 -13.12 0.19
CA ALA F 75 11.78 -14.36 -0.13
C ALA F 75 10.77 -15.51 -0.16
N SER F 76 9.85 -15.49 0.80
CA SER F 76 8.79 -16.49 0.89
C SER F 76 7.97 -16.57 -0.40
N ARG F 77 7.47 -15.43 -0.88
CA ARG F 77 6.69 -15.38 -2.11
C ARG F 77 7.54 -15.90 -3.25
N LEU F 78 8.78 -15.42 -3.28
CA LEU F 78 9.75 -15.82 -4.29
C LEU F 78 9.85 -17.35 -4.39
N ALA F 79 10.06 -18.01 -3.26
CA ALA F 79 10.16 -19.48 -3.25
C ALA F 79 8.83 -20.12 -3.70
N HIS F 80 7.71 -19.55 -3.28
CA HIS F 80 6.40 -20.09 -3.62
C HIS F 80 6.13 -19.98 -5.12
N TYR F 81 6.44 -18.83 -5.71
CA TYR F 81 6.22 -18.63 -7.15
C TYR F 81 7.02 -19.63 -7.98
N ASN F 82 8.18 -20.04 -7.48
CA ASN F 82 9.03 -20.97 -8.21
C ASN F 82 8.95 -22.40 -7.69
N LYS F 83 7.89 -22.69 -6.95
CA LYS F 83 7.68 -24.03 -6.42
C LYS F 83 8.89 -24.58 -5.66
N ARG F 84 9.60 -23.69 -4.97
CA ARG F 84 10.75 -24.10 -4.19
C ARG F 84 10.28 -24.13 -2.74
N SER F 85 10.73 -25.12 -1.98
CA SER F 85 10.33 -25.23 -0.58
C SER F 85 11.42 -24.72 0.36
N THR F 86 12.56 -24.35 -0.22
CA THR F 86 13.68 -23.86 0.58
C THR F 86 14.02 -22.40 0.30
N ILE F 87 14.20 -21.62 1.36
CA ILE F 87 14.59 -20.22 1.21
C ILE F 87 16.10 -20.22 1.41
N THR F 88 16.84 -19.88 0.36
CA THR F 88 18.29 -19.85 0.43
C THR F 88 18.81 -18.40 0.27
N SER F 89 20.13 -18.26 0.29
CA SER F 89 20.73 -16.95 0.15
C SER F 89 20.34 -16.34 -1.19
N ARG F 90 20.06 -17.18 -2.17
CA ARG F 90 19.66 -16.70 -3.49
C ARG F 90 18.27 -16.01 -3.47
N GLU F 91 17.34 -16.52 -2.66
CA GLU F 91 16.02 -15.89 -2.60
C GLU F 91 16.18 -14.59 -1.81
N ILE F 92 17.00 -14.62 -0.75
CA ILE F 92 17.23 -13.41 0.04
C ILE F 92 17.82 -12.33 -0.84
N GLN F 93 18.73 -12.72 -1.74
CA GLN F 93 19.38 -11.77 -2.64
C GLN F 93 18.41 -11.12 -3.63
N THR F 94 17.56 -11.93 -4.24
CA THR F 94 16.60 -11.40 -5.18
C THR F 94 15.63 -10.48 -4.44
N ALA F 95 15.21 -10.89 -3.24
CA ALA F 95 14.29 -10.10 -2.44
C ALA F 95 14.92 -8.73 -2.15
N VAL F 96 16.20 -8.72 -1.81
CA VAL F 96 16.90 -7.47 -1.53
C VAL F 96 16.90 -6.57 -2.75
N ARG F 97 17.03 -7.16 -3.93
CA ARG F 97 17.04 -6.39 -5.18
C ARG F 97 15.68 -5.78 -5.50
N LEU F 98 14.60 -6.50 -5.15
CA LEU F 98 13.23 -6.03 -5.36
C LEU F 98 12.84 -4.98 -4.33
N LEU F 99 13.40 -5.10 -3.12
CA LEU F 99 13.06 -4.20 -2.02
C LEU F 99 13.84 -2.89 -1.89
N LEU F 100 15.15 -2.92 -2.09
CA LEU F 100 15.95 -1.73 -1.91
C LEU F 100 16.17 -0.90 -3.17
N PRO F 101 16.30 0.42 -3.00
CA PRO F 101 16.53 1.40 -4.07
C PRO F 101 17.99 1.33 -4.56
N GLY F 102 18.15 1.40 -5.88
CA GLY F 102 19.46 1.36 -6.51
C GLY F 102 20.75 1.15 -5.73
N GLU F 103 21.31 2.23 -5.20
CA GLU F 103 22.57 2.17 -4.47
C GLU F 103 22.59 1.27 -3.22
N LEU F 104 21.54 1.34 -2.40
CA LEU F 104 21.47 0.52 -1.19
C LEU F 104 21.49 -0.94 -1.57
N ALA F 105 20.75 -1.30 -2.62
CA ALA F 105 20.69 -2.68 -3.06
C ALA F 105 22.08 -3.20 -3.38
N LYS F 106 22.79 -2.48 -4.25
CA LYS F 106 24.16 -2.87 -4.64
C LYS F 106 25.06 -3.16 -3.45
N HIS F 107 25.08 -2.25 -2.48
CA HIS F 107 25.91 -2.43 -1.31
C HIS F 107 25.39 -3.56 -0.41
N ALA F 108 24.07 -3.71 -0.33
CA ALA F 108 23.52 -4.79 0.51
C ALA F 108 23.94 -6.11 -0.13
N VAL F 109 23.80 -6.21 -1.44
CA VAL F 109 24.19 -7.42 -2.16
C VAL F 109 25.65 -7.80 -1.91
N SER F 110 26.53 -6.80 -1.89
CA SER F 110 27.95 -7.04 -1.64
C SER F 110 28.21 -7.53 -0.22
N GLU F 111 27.65 -6.84 0.76
CA GLU F 111 27.82 -7.25 2.16
C GLU F 111 27.26 -8.67 2.31
N GLY F 112 26.12 -8.92 1.68
CA GLY F 112 25.50 -10.24 1.77
C GLY F 112 26.35 -11.35 1.18
N THR F 113 26.74 -11.18 -0.07
CA THR F 113 27.56 -12.17 -0.77
C THR F 113 28.86 -12.38 0.02
N LYS F 114 29.43 -11.30 0.49
CA LYS F 114 30.67 -11.33 1.25
C LYS F 114 30.52 -12.15 2.54
N ALA F 115 29.44 -11.92 3.28
CA ALA F 115 29.26 -12.67 4.52
C ALA F 115 29.04 -14.17 4.24
N VAL F 116 28.43 -14.50 3.11
CA VAL F 116 28.18 -15.91 2.81
C VAL F 116 29.46 -16.59 2.32
N THR F 117 30.20 -15.93 1.44
CA THR F 117 31.45 -16.47 0.96
C THR F 117 32.37 -16.76 2.14
N LYS F 118 32.47 -15.82 3.07
CA LYS F 118 33.31 -16.00 4.24
C LYS F 118 32.77 -17.08 5.18
N TYR F 119 31.45 -17.09 5.36
CA TYR F 119 30.83 -18.07 6.24
C TYR F 119 31.12 -19.48 5.71
N THR F 120 31.08 -19.62 4.40
CA THR F 120 31.32 -20.89 3.74
C THR F 120 32.78 -21.35 3.78
N SER F 121 33.72 -20.41 3.89
CA SER F 121 35.14 -20.73 3.92
C SER F 121 35.58 -21.35 5.25
N SER F 122 34.73 -21.25 6.26
CA SER F 122 35.07 -21.79 7.58
C SER F 122 34.42 -23.14 7.91
N LYS F 123 35.04 -23.87 8.82
CA LYS F 123 34.57 -25.18 9.26
C LYS F 123 34.47 -26.17 8.11
N PRO G 38 2.82 51.85 19.65
CA PRO G 38 2.32 50.46 19.51
C PRO G 38 2.92 49.78 18.28
N HIS G 39 3.64 48.69 18.51
CA HIS G 39 4.27 47.95 17.43
C HIS G 39 3.40 46.78 16.96
N ARG G 40 3.41 46.54 15.65
CA ARG G 40 2.60 45.48 15.07
C ARG G 40 3.25 44.82 13.85
N TYR G 41 3.39 43.50 13.87
CA TYR G 41 3.95 42.80 12.73
C TYR G 41 2.88 42.74 11.65
N ARG G 42 3.30 42.76 10.40
CA ARG G 42 2.34 42.69 9.31
C ARG G 42 1.77 41.25 9.21
N PRO G 43 0.51 41.12 8.76
CA PRO G 43 -0.07 39.77 8.65
C PRO G 43 0.78 38.85 7.78
N GLY G 44 1.09 37.67 8.31
CA GLY G 44 1.90 36.72 7.57
C GLY G 44 3.30 36.59 8.12
N THR G 45 3.77 37.61 8.83
CA THR G 45 5.11 37.61 9.41
C THR G 45 5.22 36.65 10.58
N VAL G 46 4.21 36.68 11.45
CA VAL G 46 4.22 35.81 12.62
C VAL G 46 3.91 34.38 12.20
N ALA G 47 3.06 34.23 11.19
CA ALA G 47 2.71 32.92 10.67
C ALA G 47 3.99 32.21 10.19
N LEU G 48 4.84 32.94 9.45
CA LEU G 48 6.11 32.41 8.95
C LEU G 48 7.02 32.03 10.10
N ARG G 49 7.05 32.89 11.11
CA ARG G 49 7.86 32.61 12.29
C ARG G 49 7.33 31.32 12.95
N GLU G 50 6.01 31.11 12.88
CA GLU G 50 5.38 29.92 13.47
C GLU G 50 5.71 28.66 12.68
N ILE G 51 5.70 28.78 11.37
CA ILE G 51 6.07 27.65 10.52
C ILE G 51 7.52 27.22 10.86
N ARG G 52 8.44 28.17 10.95
CA ARG G 52 9.83 27.81 11.25
C ARG G 52 9.97 27.21 12.63
N ARG G 53 9.21 27.74 13.57
CA ARG G 53 9.26 27.21 14.93
C ARG G 53 8.74 25.76 15.00
N TYR G 54 7.55 25.52 14.47
CA TYR G 54 6.99 24.16 14.55
C TYR G 54 7.68 23.13 13.67
N GLN G 55 8.26 23.56 12.56
CA GLN G 55 8.97 22.63 11.69
C GLN G 55 10.30 22.24 12.32
N LYS G 56 10.72 23.02 13.31
CA LYS G 56 11.96 22.78 14.01
C LYS G 56 11.76 21.85 15.21
N SER G 57 10.55 21.83 15.76
CA SER G 57 10.29 21.00 16.94
C SER G 57 9.61 19.68 16.62
N THR G 58 9.54 18.81 17.62
CA THR G 58 8.94 17.50 17.43
C THR G 58 7.83 17.16 18.43
N GLU G 59 7.55 18.04 19.38
CA GLU G 59 6.51 17.73 20.36
C GLU G 59 5.13 17.67 19.71
N LEU G 60 4.22 16.95 20.37
CA LEU G 60 2.84 16.82 19.95
C LEU G 60 2.19 18.21 20.04
N LEU G 61 1.36 18.55 19.06
CA LEU G 61 0.73 19.86 19.01
C LEU G 61 -0.71 19.89 19.53
N ILE G 62 -1.32 18.71 19.69
CA ILE G 62 -2.67 18.63 20.22
C ILE G 62 -2.54 18.37 21.72
N ARG G 63 -3.37 19.02 22.55
CA ARG G 63 -3.33 18.81 24.00
C ARG G 63 -3.57 17.33 24.30
N LYS G 64 -2.84 16.78 25.28
CA LYS G 64 -2.96 15.36 25.61
C LYS G 64 -4.28 14.85 26.16
N LEU G 65 -4.75 15.43 27.27
CA LEU G 65 -6.01 14.97 27.86
C LEU G 65 -7.17 15.02 26.88
N PRO G 66 -7.32 16.13 26.14
CA PRO G 66 -8.44 16.19 25.18
C PRO G 66 -8.33 15.11 24.11
N PHE G 67 -7.12 14.83 23.62
CA PHE G 67 -6.99 13.81 22.59
C PHE G 67 -7.39 12.45 23.19
N GLN G 68 -6.94 12.18 24.40
CA GLN G 68 -7.28 10.93 25.07
C GLN G 68 -8.80 10.72 25.23
N ARG G 69 -9.54 11.79 25.55
CA ARG G 69 -11.00 11.68 25.71
C ARG G 69 -11.62 11.35 24.37
N LEU G 70 -11.12 11.97 23.31
CA LEU G 70 -11.62 11.73 21.98
C LEU G 70 -11.44 10.25 21.60
N VAL G 71 -10.26 9.71 21.87
CA VAL G 71 -9.98 8.31 21.58
C VAL G 71 -10.89 7.39 22.39
N ARG G 72 -11.09 7.71 23.67
CA ARG G 72 -11.94 6.89 24.51
C ARG G 72 -13.41 6.95 24.08
N GLU G 73 -13.84 8.13 23.65
CA GLU G 73 -15.21 8.34 23.20
C GLU G 73 -15.46 7.53 21.94
N ILE G 74 -14.59 7.69 20.96
CA ILE G 74 -14.73 6.94 19.71
C ILE G 74 -14.65 5.43 19.98
N ALA G 75 -13.66 5.00 20.73
CA ALA G 75 -13.52 3.56 21.00
C ALA G 75 -14.75 3.02 21.72
N GLN G 76 -15.27 3.79 22.66
CA GLN G 76 -16.44 3.39 23.42
C GLN G 76 -17.63 3.14 22.49
N ASP G 77 -17.77 3.99 21.48
CA ASP G 77 -18.86 3.82 20.54
C ASP G 77 -18.73 2.52 19.74
N PHE G 78 -17.51 2.02 19.59
CA PHE G 78 -17.32 0.79 18.84
C PHE G 78 -17.46 -0.40 19.81
N LYS G 79 -16.92 -0.24 21.00
CA LYS G 79 -16.95 -1.31 21.99
C LYS G 79 -16.87 -0.74 23.40
N THR G 80 -17.79 -1.19 24.27
CA THR G 80 -17.82 -0.71 25.65
C THR G 80 -16.86 -1.46 26.58
N ASP G 81 -16.53 -0.83 27.69
CA ASP G 81 -15.66 -1.42 28.71
C ASP G 81 -14.18 -1.57 28.33
N LEU G 82 -13.74 -0.87 27.29
CA LEU G 82 -12.35 -0.97 26.87
C LEU G 82 -11.43 -0.15 27.78
N ARG G 83 -10.23 -0.65 27.96
CA ARG G 83 -9.19 0.03 28.72
C ARG G 83 -8.09 0.36 27.70
N PHE G 84 -7.14 1.21 28.07
CA PHE G 84 -6.05 1.60 27.17
C PHE G 84 -4.71 1.73 27.87
N GLN G 85 -3.67 1.12 27.32
CA GLN G 85 -2.34 1.31 27.90
C GLN G 85 -2.07 2.77 27.53
N SER G 86 -1.30 3.48 28.36
CA SER G 86 -1.03 4.88 28.04
C SER G 86 -0.26 5.01 26.70
N SER G 87 0.62 4.05 26.41
CA SER G 87 1.38 4.10 25.16
C SER G 87 0.49 3.88 23.93
N ALA G 88 -0.63 3.18 24.09
CA ALA G 88 -1.56 2.96 22.98
C ALA G 88 -2.16 4.31 22.58
N VAL G 89 -2.50 5.11 23.57
CA VAL G 89 -3.07 6.43 23.30
C VAL G 89 -2.02 7.33 22.64
N MET G 90 -0.77 7.24 23.10
CA MET G 90 0.31 8.04 22.54
C MET G 90 0.62 7.61 21.12
N ALA G 91 0.59 6.29 20.87
CA ALA G 91 0.82 5.79 19.52
C ALA G 91 -0.21 6.40 18.58
N LEU G 92 -1.48 6.42 19.02
CA LEU G 92 -2.56 6.97 18.21
C LEU G 92 -2.37 8.46 17.95
N GLN G 93 -1.87 9.18 18.96
CA GLN G 93 -1.68 10.61 18.80
C GLN G 93 -0.52 10.94 17.88
N GLU G 94 0.58 10.18 17.97
CA GLU G 94 1.73 10.40 17.11
C GLU G 94 1.31 10.15 15.66
N ALA G 95 0.56 9.06 15.43
CA ALA G 95 0.09 8.73 14.08
C ALA G 95 -0.91 9.72 13.52
N SER G 96 -1.84 10.16 14.36
CA SER G 96 -2.87 11.11 13.93
C SER G 96 -2.22 12.43 13.58
N GLU G 97 -1.27 12.86 14.39
CA GLU G 97 -0.62 14.13 14.11
C GLU G 97 0.26 14.05 12.86
N ALA G 98 0.96 12.92 12.64
CA ALA G 98 1.80 12.82 11.46
C ALA G 98 0.88 12.81 10.25
N TYR G 99 -0.25 12.11 10.38
CA TYR G 99 -1.24 12.06 9.30
C TYR G 99 -1.74 13.47 8.93
N LEU G 100 -2.16 14.24 9.92
CA LEU G 100 -2.68 15.59 9.68
C LEU G 100 -1.61 16.53 9.10
N VAL G 101 -0.39 16.47 9.63
CA VAL G 101 0.67 17.33 9.10
C VAL G 101 0.93 17.02 7.62
N GLY G 102 1.01 15.72 7.30
CA GLY G 102 1.22 15.30 5.92
C GLY G 102 0.06 15.72 5.03
N LEU G 103 -1.16 15.70 5.58
CA LEU G 103 -2.33 16.12 4.81
C LEU G 103 -2.26 17.64 4.56
N PHE G 104 -1.91 18.41 5.57
CA PHE G 104 -1.79 19.86 5.39
C PHE G 104 -0.71 20.23 4.37
N GLU G 105 0.36 19.44 4.27
CA GLU G 105 1.40 19.76 3.28
C GLU G 105 0.79 19.61 1.90
N ASP G 106 0.04 18.52 1.67
CA ASP G 106 -0.59 18.29 0.36
C ASP G 106 -1.65 19.34 0.05
N THR G 107 -2.40 19.71 1.10
CA THR G 107 -3.45 20.70 0.99
C THR G 107 -2.83 22.03 0.60
N ASN G 108 -1.66 22.31 1.16
CA ASN G 108 -0.95 23.55 0.89
C ASN G 108 -0.52 23.63 -0.59
N LEU G 109 -0.11 22.49 -1.15
CA LEU G 109 0.28 22.46 -2.56
C LEU G 109 -0.95 22.68 -3.45
N CYS G 110 -2.10 22.17 -3.02
CA CYS G 110 -3.32 22.37 -3.79
C CYS G 110 -3.75 23.84 -3.78
N ALA G 111 -3.65 24.50 -2.64
CA ALA G 111 -4.01 25.93 -2.56
C ALA G 111 -3.06 26.71 -3.48
N ILE G 112 -1.76 26.45 -3.35
CA ILE G 112 -0.75 27.13 -4.14
C ILE G 112 -0.98 26.90 -5.64
N HIS G 113 -1.40 25.69 -6.00
CA HIS G 113 -1.66 25.33 -7.40
C HIS G 113 -2.75 26.23 -7.98
N ALA G 114 -3.72 26.61 -7.14
CA ALA G 114 -4.82 27.47 -7.54
C ALA G 114 -4.44 28.94 -7.39
N LYS G 115 -3.15 29.20 -7.16
CA LYS G 115 -2.65 30.57 -6.98
C LYS G 115 -3.16 31.29 -5.73
N ARG G 116 -3.27 30.54 -4.63
CA ARG G 116 -3.70 31.10 -3.35
C ARG G 116 -2.63 30.77 -2.33
N VAL G 117 -2.72 31.34 -1.13
CA VAL G 117 -1.77 31.00 -0.08
C VAL G 117 -2.60 30.61 1.15
N THR G 118 -3.90 30.61 0.98
CA THR G 118 -4.85 30.27 2.03
C THR G 118 -5.47 28.92 1.72
N ILE G 119 -5.31 27.94 2.61
CA ILE G 119 -5.91 26.65 2.34
C ILE G 119 -7.41 26.72 2.67
N MET G 120 -8.20 26.03 1.86
CA MET G 120 -9.65 25.98 1.99
C MET G 120 -10.12 24.54 1.98
N PRO G 121 -11.34 24.30 2.47
CA PRO G 121 -11.90 22.95 2.51
C PRO G 121 -11.73 22.21 1.18
N LYS G 122 -11.93 22.91 0.07
CA LYS G 122 -11.79 22.26 -1.22
C LYS G 122 -10.36 21.78 -1.54
N ASP G 123 -9.35 22.37 -0.93
CA ASP G 123 -7.96 21.94 -1.16
C ASP G 123 -7.77 20.60 -0.44
N ILE G 124 -8.34 20.49 0.75
CA ILE G 124 -8.25 19.26 1.54
C ILE G 124 -8.99 18.13 0.81
N GLN G 125 -10.12 18.48 0.21
CA GLN G 125 -10.93 17.51 -0.51
C GLN G 125 -10.20 17.03 -1.76
N LEU G 126 -9.54 17.94 -2.46
CA LEU G 126 -8.81 17.53 -3.65
C LEU G 126 -7.67 16.59 -3.27
N ALA G 127 -6.95 16.95 -2.21
CA ALA G 127 -5.82 16.16 -1.76
C ALA G 127 -6.27 14.77 -1.32
N ARG G 128 -7.35 14.71 -0.54
CA ARG G 128 -7.84 13.42 -0.08
C ARG G 128 -8.31 12.57 -1.24
N ARG G 129 -8.88 13.22 -2.25
CA ARG G 129 -9.36 12.51 -3.42
C ARG G 129 -8.21 11.93 -4.25
N ILE G 130 -7.13 12.69 -4.41
CA ILE G 130 -6.00 12.19 -5.19
C ILE G 130 -5.33 11.04 -4.43
N ARG G 131 -5.23 11.20 -3.11
CA ARG G 131 -4.63 10.20 -2.25
C ARG G 131 -5.42 8.90 -2.25
N GLY G 132 -6.67 8.95 -2.69
CA GLY G 132 -7.48 7.75 -2.71
C GLY G 132 -8.28 7.54 -1.43
N GLU G 133 -8.40 8.61 -0.63
CA GLU G 133 -9.14 8.55 0.61
C GLU G 133 -10.62 8.86 0.31
N ARG G 134 -10.91 9.02 -0.99
CA ARG G 134 -12.26 9.32 -1.47
C ARG G 134 -12.24 9.39 -3.01
N ALA G 135 -11.19 8.87 -3.61
CA ALA G 135 -11.01 8.88 -5.06
C ALA G 135 -12.12 8.15 -5.82
N ARG H 18 -20.31 5.92 40.72
CA ARG H 18 -19.90 4.50 40.60
C ARG H 18 -19.46 4.22 39.17
N HIS H 19 -19.75 5.16 38.27
CA HIS H 19 -19.40 4.97 36.87
C HIS H 19 -19.26 6.21 36.01
N ARG H 20 -18.88 5.94 34.76
CA ARG H 20 -18.70 6.91 33.68
C ARG H 20 -18.51 8.38 33.98
N LYS H 21 -19.18 9.14 33.13
CA LYS H 21 -19.24 10.59 33.07
C LYS H 21 -19.30 10.71 31.55
N VAL H 22 -20.47 10.40 31.00
CA VAL H 22 -20.71 10.43 29.57
C VAL H 22 -19.69 11.23 28.77
N LEU H 23 -19.09 10.57 27.79
CA LEU H 23 -18.12 11.20 26.91
C LEU H 23 -18.90 11.73 25.73
N ARG H 24 -18.92 13.05 25.57
CA ARG H 24 -19.66 13.68 24.48
C ARG H 24 -18.85 14.75 23.79
N ASP H 25 -19.11 14.92 22.50
CA ASP H 25 -18.49 15.95 21.67
C ASP H 25 -17.02 16.26 21.97
N ASN H 26 -16.22 15.23 22.17
CA ASN H 26 -14.83 15.48 22.46
C ASN H 26 -14.02 15.93 21.25
N ILE H 27 -14.59 15.82 20.04
CA ILE H 27 -13.89 16.25 18.85
C ILE H 27 -13.59 17.75 18.91
N GLN H 28 -14.27 18.48 19.79
CA GLN H 28 -14.04 19.93 19.94
C GLN H 28 -12.80 20.17 20.80
N GLY H 29 -12.25 19.10 21.36
CA GLY H 29 -11.05 19.21 22.16
C GLY H 29 -9.89 19.51 21.23
N ILE H 30 -10.08 19.19 19.96
CA ILE H 30 -9.06 19.48 18.95
C ILE H 30 -9.37 20.93 18.61
N THR H 31 -8.76 21.84 19.36
CA THR H 31 -9.00 23.27 19.20
C THR H 31 -8.46 23.94 17.96
N LYS H 32 -8.98 25.13 17.70
CA LYS H 32 -8.55 25.90 16.55
C LYS H 32 -7.02 26.12 16.62
N PRO H 33 -6.49 26.47 17.81
CA PRO H 33 -5.04 26.69 17.95
C PRO H 33 -4.22 25.41 17.68
N ALA H 34 -4.72 24.26 18.14
CA ALA H 34 -4.00 23.01 17.90
C ALA H 34 -3.98 22.75 16.41
N ILE H 35 -5.09 23.01 15.73
CA ILE H 35 -5.15 22.79 14.30
C ILE H 35 -4.22 23.74 13.56
N ARG H 36 -4.13 25.00 14.01
CA ARG H 36 -3.26 25.99 13.37
C ARG H 36 -1.83 25.49 13.48
N ARG H 37 -1.45 25.03 14.67
CA ARG H 37 -0.11 24.52 14.89
C ARG H 37 0.24 23.37 13.94
N LEU H 38 -0.67 22.42 13.78
CA LEU H 38 -0.43 21.29 12.89
C LEU H 38 -0.26 21.77 11.45
N ALA H 39 -1.05 22.77 11.07
CA ALA H 39 -0.96 23.32 9.73
C ALA H 39 0.40 24.04 9.57
N ARG H 40 0.87 24.71 10.62
CA ARG H 40 2.15 25.40 10.57
C ARG H 40 3.26 24.39 10.32
N ARG H 41 3.26 23.29 11.09
CA ARG H 41 4.28 22.27 10.91
C ARG H 41 4.19 21.74 9.49
N GLY H 42 2.99 21.78 8.92
CA GLY H 42 2.77 21.31 7.56
C GLY H 42 3.10 22.37 6.53
N GLY H 43 3.64 23.50 7.01
CA GLY H 43 4.05 24.60 6.15
C GLY H 43 2.97 25.54 5.64
N VAL H 44 1.81 25.55 6.30
CA VAL H 44 0.72 26.42 5.86
C VAL H 44 0.79 27.81 6.45
N LYS H 45 0.66 28.81 5.60
CA LYS H 45 0.77 30.21 6.04
C LYS H 45 -0.56 30.90 6.35
N ARG H 46 -1.61 30.55 5.64
CA ARG H 46 -2.91 31.18 5.84
C ARG H 46 -4.03 30.12 5.83
N ILE H 47 -4.92 30.22 6.80
CA ILE H 47 -6.02 29.27 7.00
C ILE H 47 -7.41 29.89 6.98
N SER H 48 -8.28 29.44 6.08
CA SER H 48 -9.64 29.99 6.03
C SER H 48 -10.47 29.45 7.19
N GLY H 49 -11.43 30.25 7.64
CA GLY H 49 -12.27 29.88 8.75
C GLY H 49 -12.94 28.51 8.75
N LEU H 50 -13.25 27.98 7.58
CA LEU H 50 -13.91 26.67 7.51
C LEU H 50 -12.96 25.48 7.61
N ILE H 51 -11.66 25.74 7.67
CA ILE H 51 -10.68 24.64 7.74
C ILE H 51 -10.76 23.83 9.03
N TYR H 52 -11.07 24.49 10.14
CA TYR H 52 -11.11 23.80 11.42
C TYR H 52 -12.15 22.69 11.52
N GLU H 53 -13.36 22.97 11.06
CA GLU H 53 -14.42 21.97 11.11
C GLU H 53 -14.15 20.84 10.10
N GLU H 54 -13.60 21.17 8.95
CA GLU H 54 -13.29 20.13 7.97
C GLU H 54 -12.18 19.21 8.53
N THR H 55 -11.22 19.80 9.25
CA THR H 55 -10.10 19.05 9.83
C THR H 55 -10.57 18.08 10.92
N ARG H 56 -11.54 18.53 11.72
CA ARG H 56 -12.07 17.68 12.78
C ARG H 56 -12.74 16.47 12.14
N GLY H 57 -13.50 16.71 11.08
CA GLY H 57 -14.17 15.62 10.40
C GLY H 57 -13.17 14.60 9.85
N VAL H 58 -12.06 15.11 9.30
CA VAL H 58 -11.03 14.25 8.73
C VAL H 58 -10.31 13.48 9.81
N LEU H 59 -10.06 14.14 10.94
CA LEU H 59 -9.38 13.44 12.02
C LEU H 59 -10.27 12.33 12.55
N LYS H 60 -11.56 12.62 12.70
CA LYS H 60 -12.49 11.62 13.22
C LYS H 60 -12.52 10.37 12.37
N VAL H 61 -12.59 10.54 11.05
CA VAL H 61 -12.61 9.41 10.15
C VAL H 61 -11.33 8.59 10.29
N PHE H 62 -10.20 9.27 10.35
CA PHE H 62 -8.91 8.59 10.47
C PHE H 62 -8.87 7.80 11.77
N LEU H 63 -9.26 8.44 12.87
CA LEU H 63 -9.25 7.78 14.16
C LEU H 63 -10.22 6.61 14.25
N GLU H 64 -11.43 6.78 13.71
CA GLU H 64 -12.42 5.70 13.77
C GLU H 64 -11.89 4.47 13.04
N ASN H 65 -11.29 4.68 11.87
CA ASN H 65 -10.76 3.57 11.09
C ASN H 65 -9.64 2.83 11.80
N VAL H 66 -8.69 3.57 12.38
CA VAL H 66 -7.59 2.90 13.06
C VAL H 66 -8.05 2.25 14.37
N ILE H 67 -8.86 2.96 15.13
CA ILE H 67 -9.36 2.43 16.39
C ILE H 67 -10.19 1.17 16.16
N ARG H 68 -11.07 1.21 15.16
CA ARG H 68 -11.89 0.06 14.83
C ARG H 68 -11.01 -1.17 14.66
N ASP H 69 -9.95 -1.04 13.87
CA ASP H 69 -9.03 -2.14 13.63
C ASP H 69 -8.26 -2.50 14.88
N ALA H 70 -7.80 -1.49 15.60
CA ALA H 70 -7.04 -1.76 16.82
C ALA H 70 -7.91 -2.58 17.80
N VAL H 71 -9.16 -2.15 17.98
CA VAL H 71 -10.07 -2.85 18.87
C VAL H 71 -10.37 -4.25 18.36
N THR H 72 -10.38 -4.42 17.05
CA THR H 72 -10.64 -5.75 16.50
C THR H 72 -9.52 -6.72 16.89
N TYR H 73 -8.26 -6.27 16.86
CA TYR H 73 -7.12 -7.13 17.25
C TYR H 73 -7.20 -7.44 18.75
N THR H 74 -7.65 -6.47 19.53
CA THR H 74 -7.78 -6.65 20.97
C THR H 74 -8.78 -7.76 21.25
N GLU H 75 -9.98 -7.63 20.70
CA GLU H 75 -11.02 -8.63 20.88
C GLU H 75 -10.57 -10.02 20.44
N HIS H 76 -9.90 -10.11 19.28
CA HIS H 76 -9.45 -11.39 18.81
C HIS H 76 -8.55 -12.06 19.85
N ALA H 77 -7.74 -11.26 20.53
CA ALA H 77 -6.84 -11.77 21.55
C ALA H 77 -7.55 -11.99 22.88
N LYS H 78 -8.85 -11.67 22.91
CA LYS H 78 -9.66 -11.82 24.12
C LYS H 78 -9.20 -10.96 25.30
N ARG H 79 -8.79 -9.72 24.99
CA ARG H 79 -8.35 -8.78 26.01
C ARG H 79 -9.37 -7.67 26.10
N LYS H 80 -9.29 -6.86 27.16
CA LYS H 80 -10.20 -5.74 27.32
C LYS H 80 -9.38 -4.46 27.25
N THR H 81 -8.08 -4.65 27.12
CA THR H 81 -7.13 -3.53 27.08
C THR H 81 -6.45 -3.39 25.72
N VAL H 82 -6.66 -2.24 25.07
CA VAL H 82 -6.03 -1.96 23.78
C VAL H 82 -4.55 -1.72 24.07
N THR H 83 -3.68 -2.45 23.39
CA THR H 83 -2.25 -2.29 23.61
C THR H 83 -1.65 -1.40 22.53
N ALA H 84 -0.42 -0.97 22.75
CA ALA H 84 0.28 -0.15 21.77
C ALA H 84 0.50 -1.01 20.52
N MET H 85 0.73 -2.31 20.70
CA MET H 85 0.92 -3.18 19.55
C MET H 85 -0.39 -3.31 18.74
N ASP H 86 -1.54 -3.30 19.41
CA ASP H 86 -2.81 -3.38 18.67
C ASP H 86 -2.88 -2.18 17.72
N VAL H 87 -2.46 -1.00 18.18
CA VAL H 87 -2.48 0.21 17.37
C VAL H 87 -1.45 0.13 16.25
N VAL H 88 -0.25 -0.32 16.59
CA VAL H 88 0.81 -0.48 15.60
C VAL H 88 0.34 -1.42 14.49
N TYR H 89 -0.28 -2.53 14.85
CA TYR H 89 -0.78 -3.49 13.86
C TYR H 89 -1.90 -2.88 13.04
N ALA H 90 -2.76 -2.12 13.70
CA ALA H 90 -3.86 -1.50 13.00
C ALA H 90 -3.30 -0.48 12.00
N LEU H 91 -2.28 0.27 12.40
CA LEU H 91 -1.67 1.25 11.50
C LEU H 91 -1.00 0.56 10.31
N LYS H 92 -0.37 -0.58 10.57
CA LYS H 92 0.32 -1.33 9.52
C LYS H 92 -0.69 -1.81 8.47
N ARG H 93 -1.86 -2.27 8.90
CA ARG H 93 -2.91 -2.73 7.99
C ARG H 93 -3.26 -1.62 7.00
N GLN H 94 -3.33 -0.41 7.52
CA GLN H 94 -3.66 0.77 6.73
C GLN H 94 -2.49 1.32 5.92
N GLY H 95 -1.34 0.69 6.02
CA GLY H 95 -0.18 1.15 5.30
C GLY H 95 0.57 2.30 5.97
N ARG H 96 0.24 2.59 7.23
CA ARG H 96 0.91 3.67 7.97
C ARG H 96 1.84 3.11 9.05
N THR H 97 2.91 2.43 8.65
CA THR H 97 3.87 1.85 9.60
C THR H 97 4.37 2.87 10.62
N LEU H 98 4.28 2.49 11.89
CA LEU H 98 4.71 3.39 12.95
C LEU H 98 5.89 2.84 13.72
N TYR H 99 6.97 3.61 13.82
CA TYR H 99 8.16 3.22 14.58
C TYR H 99 8.20 3.93 15.92
N GLY H 100 8.61 3.20 16.96
CA GLY H 100 8.74 3.81 18.26
C GLY H 100 7.87 3.31 19.40
N PHE H 101 7.08 2.28 19.17
CA PHE H 101 6.24 1.75 20.24
C PHE H 101 6.27 0.24 20.35
N GLY H 102 7.42 -0.36 20.07
CA GLY H 102 7.53 -1.81 20.11
C GLY H 102 7.21 -2.21 18.69
N GLY H 103 6.98 -1.16 17.93
CA GLY H 103 6.66 -1.27 16.52
C GLY H 103 6.79 0.15 16.02
N ALA I 13 -19.14 -42.14 0.36
CA ALA I 13 -18.36 -41.02 0.95
C ALA I 13 -18.77 -39.68 0.34
N LYS I 14 -19.22 -38.77 1.18
CA LYS I 14 -19.65 -37.45 0.72
C LYS I 14 -18.53 -36.43 0.91
N SER I 15 -18.39 -35.51 -0.04
CA SER I 15 -17.36 -34.49 0.02
C SER I 15 -17.65 -33.43 1.09
N ARG I 16 -16.59 -32.75 1.55
CA ARG I 16 -16.74 -31.72 2.57
C ARG I 16 -17.51 -30.51 2.07
N SER I 17 -17.40 -30.21 0.78
CA SER I 17 -18.13 -29.07 0.22
C SER I 17 -19.62 -29.31 0.37
N ASN I 18 -20.06 -30.51 -0.02
CA ASN I 18 -21.47 -30.88 0.08
C ASN I 18 -21.90 -30.86 1.53
N ARG I 19 -21.04 -31.37 2.40
CA ARG I 19 -21.31 -31.43 3.82
C ARG I 19 -21.53 -30.01 4.36
N ALA I 20 -20.73 -29.06 3.87
CA ALA I 20 -20.85 -27.67 4.30
C ALA I 20 -21.89 -26.95 3.46
N GLY I 21 -22.39 -27.63 2.43
CA GLY I 21 -23.39 -27.03 1.56
C GLY I 21 -22.86 -25.94 0.68
N LEU I 22 -21.67 -26.18 0.12
CA LEU I 22 -21.01 -25.19 -0.72
C LEU I 22 -20.61 -25.79 -2.06
N GLN I 23 -20.36 -24.91 -3.03
CA GLN I 23 -19.90 -25.33 -4.34
C GLN I 23 -18.38 -25.28 -4.38
N PHE I 24 -17.78 -24.28 -3.71
CA PHE I 24 -16.33 -24.14 -3.68
C PHE I 24 -15.69 -25.32 -2.95
N PRO I 25 -14.56 -25.82 -3.47
CA PRO I 25 -13.76 -26.95 -2.96
C PRO I 25 -13.06 -26.81 -1.61
N VAL I 26 -13.73 -27.27 -0.55
CA VAL I 26 -13.18 -27.21 0.80
C VAL I 26 -11.88 -28.00 0.89
N GLY I 27 -11.84 -29.14 0.21
CA GLY I 27 -10.64 -29.96 0.25
C GLY I 27 -9.46 -29.26 -0.41
N ARG I 28 -9.72 -28.55 -1.51
CA ARG I 28 -8.66 -27.84 -2.20
C ARG I 28 -8.21 -26.64 -1.37
N ILE I 29 -9.17 -25.86 -0.88
CA ILE I 29 -8.87 -24.69 -0.06
C ILE I 29 -8.00 -25.11 1.12
N HIS I 30 -8.36 -26.23 1.74
CA HIS I 30 -7.62 -26.79 2.88
C HIS I 30 -6.16 -27.04 2.53
N ARG I 31 -5.95 -27.72 1.40
CA ARG I 31 -4.63 -28.05 0.94
C ARG I 31 -3.83 -26.77 0.65
N LEU I 32 -4.48 -25.79 0.06
CA LEU I 32 -3.84 -24.51 -0.24
C LEU I 32 -3.43 -23.80 1.05
N LEU I 33 -4.27 -23.85 2.08
CA LEU I 33 -3.91 -23.21 3.33
C LEU I 33 -2.70 -23.89 3.96
N ARG I 34 -2.69 -25.21 3.94
CA ARG I 34 -1.60 -26.01 4.51
C ARG I 34 -0.26 -25.79 3.86
N LYS I 35 -0.24 -25.69 2.54
CA LYS I 35 1.01 -25.54 1.81
C LYS I 35 1.37 -24.10 1.45
N GLY I 36 0.60 -23.15 1.97
CA GLY I 36 0.87 -21.75 1.66
C GLY I 36 1.72 -21.06 2.71
N ASN I 37 2.22 -21.84 3.66
CA ASN I 37 3.04 -21.28 4.74
C ASN I 37 2.33 -20.16 5.47
N TYR I 38 1.18 -20.48 6.03
CA TYR I 38 0.41 -19.51 6.78
C TYR I 38 0.54 -19.78 8.27
N ALA I 39 0.68 -21.06 8.62
CA ALA I 39 0.82 -21.47 10.01
C ALA I 39 1.20 -22.95 10.09
N GLU I 40 1.69 -23.39 11.24
CA GLU I 40 2.05 -24.80 11.42
C GLU I 40 0.83 -25.72 11.30
N ARG I 41 -0.35 -25.22 11.70
CA ARG I 41 -1.56 -26.03 11.63
C ARG I 41 -2.79 -25.29 11.12
N VAL I 42 -3.68 -26.02 10.49
CA VAL I 42 -4.92 -25.45 9.98
C VAL I 42 -6.09 -26.28 10.49
N GLY I 43 -6.96 -25.65 11.27
CA GLY I 43 -8.12 -26.34 11.81
C GLY I 43 -9.06 -26.77 10.71
N ALA I 44 -9.90 -27.75 11.02
CA ALA I 44 -10.87 -28.29 10.08
C ALA I 44 -11.91 -27.27 9.62
N GLY I 45 -12.31 -26.36 10.50
CA GLY I 45 -13.30 -25.39 10.11
C GLY I 45 -12.82 -24.23 9.26
N ALA I 46 -11.53 -23.89 9.37
CA ALA I 46 -10.97 -22.76 8.63
C ALA I 46 -11.21 -22.80 7.13
N PRO I 47 -10.95 -23.94 6.49
CA PRO I 47 -11.17 -24.00 5.04
C PRO I 47 -12.64 -23.93 4.68
N VAL I 48 -13.49 -24.36 5.61
CA VAL I 48 -14.93 -24.35 5.38
C VAL I 48 -15.42 -22.91 5.40
N TYR I 49 -15.01 -22.18 6.42
CA TYR I 49 -15.38 -20.77 6.55
C TYR I 49 -14.84 -19.99 5.36
N LEU I 50 -13.56 -20.18 5.04
CA LEU I 50 -12.92 -19.48 3.94
C LEU I 50 -13.57 -19.78 2.61
N ALA I 51 -13.86 -21.06 2.37
CA ALA I 51 -14.50 -21.45 1.13
C ALA I 51 -15.85 -20.75 0.97
N ALA I 52 -16.61 -20.66 2.06
CA ALA I 52 -17.92 -20.02 2.01
C ALA I 52 -17.81 -18.51 1.75
N VAL I 53 -16.77 -17.87 2.28
CA VAL I 53 -16.59 -16.44 2.05
C VAL I 53 -16.24 -16.17 0.60
N MET I 54 -15.38 -17.01 0.04
CA MET I 54 -14.96 -16.88 -1.35
C MET I 54 -16.17 -17.08 -2.27
N GLU I 55 -17.01 -18.05 -1.92
CA GLU I 55 -18.22 -18.36 -2.70
C GLU I 55 -19.17 -17.18 -2.66
N TYR I 56 -19.47 -16.69 -1.47
CA TYR I 56 -20.35 -15.55 -1.33
C TYR I 56 -19.83 -14.33 -2.12
N LEU I 57 -18.52 -14.05 -2.00
CA LEU I 57 -17.99 -12.88 -2.71
C LEU I 57 -18.12 -13.04 -4.20
N ALA I 58 -17.87 -14.26 -4.67
CA ALA I 58 -17.98 -14.56 -6.09
C ALA I 58 -19.44 -14.40 -6.53
N ALA I 59 -20.36 -14.86 -5.69
CA ALA I 59 -21.78 -14.74 -6.01
C ALA I 59 -22.15 -13.27 -6.15
N GLU I 60 -21.76 -12.47 -5.17
CA GLU I 60 -22.04 -11.04 -5.15
C GLU I 60 -21.59 -10.37 -6.45
N VAL I 61 -20.37 -10.64 -6.88
CA VAL I 61 -19.86 -10.02 -8.10
C VAL I 61 -20.58 -10.51 -9.36
N LEU I 62 -20.81 -11.83 -9.45
CA LEU I 62 -21.49 -12.41 -10.62
C LEU I 62 -22.95 -11.92 -10.76
N GLU I 63 -23.61 -11.70 -9.63
CA GLU I 63 -24.98 -11.19 -9.64
C GLU I 63 -24.99 -9.79 -10.27
N LEU I 64 -24.12 -8.91 -9.77
CA LEU I 64 -24.05 -7.54 -10.27
C LEU I 64 -23.54 -7.47 -11.71
N ALA I 65 -22.58 -8.31 -12.04
CA ALA I 65 -22.03 -8.30 -13.40
C ALA I 65 -23.11 -8.80 -14.33
N GLY I 66 -23.86 -9.81 -13.87
CA GLY I 66 -24.95 -10.35 -14.66
C GLY I 66 -25.97 -9.26 -14.97
N ASN I 67 -26.32 -8.46 -13.96
CA ASN I 67 -27.28 -7.39 -14.16
C ASN I 67 -26.72 -6.36 -15.13
N ALA I 68 -25.42 -6.10 -15.04
CA ALA I 68 -24.80 -5.14 -15.93
C ALA I 68 -24.87 -5.67 -17.36
N ALA I 69 -24.79 -6.99 -17.53
CA ALA I 69 -24.85 -7.56 -18.86
C ALA I 69 -26.30 -7.40 -19.37
N ARG I 70 -27.27 -7.68 -18.51
CA ARG I 70 -28.67 -7.55 -18.90
C ARG I 70 -28.97 -6.08 -19.27
N ASP I 71 -28.41 -5.15 -18.49
CA ASP I 71 -28.61 -3.74 -18.75
C ASP I 71 -28.13 -3.36 -20.15
N ASN I 72 -27.17 -4.11 -20.67
CA ASN I 72 -26.64 -3.84 -22.01
C ASN I 72 -27.23 -4.81 -23.02
N LYS I 73 -28.29 -5.51 -22.61
CA LYS I 73 -28.95 -6.49 -23.46
C LYS I 73 -27.97 -7.50 -24.04
N LYS I 74 -27.31 -8.22 -23.14
CA LYS I 74 -26.35 -9.24 -23.51
C LYS I 74 -26.52 -10.39 -22.53
N THR I 75 -26.30 -11.60 -22.99
CA THR I 75 -26.46 -12.75 -22.11
C THR I 75 -25.14 -13.28 -21.57
N ARG I 76 -24.04 -12.81 -22.17
CA ARG I 76 -22.71 -13.25 -21.74
C ARG I 76 -21.93 -12.16 -21.00
N ILE I 77 -21.52 -12.48 -19.78
CA ILE I 77 -20.75 -11.57 -18.96
C ILE I 77 -19.33 -11.42 -19.52
N ILE I 78 -18.91 -10.17 -19.75
CA ILE I 78 -17.56 -9.90 -20.25
C ILE I 78 -16.88 -8.95 -19.24
N PRO I 79 -15.56 -8.72 -19.36
CA PRO I 79 -14.82 -7.84 -18.43
C PRO I 79 -15.50 -6.48 -18.15
N ARG I 80 -15.99 -5.84 -19.21
CA ARG I 80 -16.66 -4.55 -19.09
C ARG I 80 -17.72 -4.67 -18.00
N HIS I 81 -18.50 -5.75 -18.07
CA HIS I 81 -19.58 -5.99 -17.12
C HIS I 81 -19.10 -6.15 -15.69
N LEU I 82 -17.98 -6.82 -15.50
CA LEU I 82 -17.42 -6.99 -14.16
C LEU I 82 -16.97 -5.61 -13.68
N GLN I 83 -16.36 -4.84 -14.57
CA GLN I 83 -15.90 -3.50 -14.21
C GLN I 83 -17.07 -2.60 -13.80
N LEU I 84 -18.14 -2.59 -14.59
CA LEU I 84 -19.30 -1.76 -14.27
C LEU I 84 -19.93 -2.21 -12.95
N ALA I 85 -20.01 -3.51 -12.74
CA ALA I 85 -20.60 -4.04 -11.51
C ALA I 85 -19.84 -3.60 -10.27
N ILE I 86 -18.52 -3.74 -10.32
CA ILE I 86 -17.64 -3.38 -9.22
C ILE I 86 -17.53 -1.88 -8.95
N ARG I 87 -17.26 -1.10 -9.98
CA ARG I 87 -17.07 0.33 -9.78
C ARG I 87 -18.38 1.05 -9.40
N ASN I 88 -19.53 0.48 -9.75
CA ASN I 88 -20.81 1.09 -9.38
C ASN I 88 -21.29 0.66 -8.01
N ASP I 89 -20.58 -0.26 -7.37
CA ASP I 89 -20.96 -0.72 -6.04
C ASP I 89 -19.97 -0.12 -5.05
N GLU I 90 -20.47 0.70 -4.14
CA GLU I 90 -19.61 1.35 -3.16
C GLU I 90 -18.68 0.40 -2.40
N GLU I 91 -19.22 -0.72 -1.91
CA GLU I 91 -18.41 -1.65 -1.14
C GLU I 91 -17.42 -2.50 -1.93
N LEU I 92 -17.83 -3.00 -3.10
CA LEU I 92 -16.93 -3.80 -3.92
C LEU I 92 -15.84 -2.91 -4.48
N ASN I 93 -16.22 -1.67 -4.80
CA ASN I 93 -15.27 -0.70 -5.34
C ASN I 93 -14.18 -0.46 -4.32
N LYS I 94 -14.56 -0.37 -3.05
CA LYS I 94 -13.58 -0.14 -2.00
C LYS I 94 -12.69 -1.38 -1.80
N LEU I 95 -13.32 -2.55 -1.71
CA LEU I 95 -12.58 -3.80 -1.53
C LEU I 95 -11.54 -4.00 -2.64
N LEU I 96 -11.87 -3.52 -3.84
CA LEU I 96 -11.00 -3.67 -4.99
C LEU I 96 -10.44 -2.37 -5.52
N SER I 97 -10.25 -1.38 -4.65
CA SER I 97 -9.73 -0.09 -5.08
C SER I 97 -8.31 -0.16 -5.66
N GLY I 98 -7.54 -1.16 -5.28
CA GLY I 98 -6.19 -1.27 -5.84
C GLY I 98 -6.10 -2.18 -7.06
N VAL I 99 -7.25 -2.67 -7.52
CA VAL I 99 -7.28 -3.61 -8.64
C VAL I 99 -7.63 -3.04 -10.01
N THR I 100 -6.96 -3.57 -11.03
CA THR I 100 -7.22 -3.18 -12.41
C THR I 100 -7.84 -4.40 -13.08
N ILE I 101 -8.98 -4.19 -13.71
CA ILE I 101 -9.71 -5.23 -14.43
C ILE I 101 -9.33 -5.13 -15.91
N ALA I 102 -8.59 -6.10 -16.42
CA ALA I 102 -8.20 -6.08 -17.82
C ALA I 102 -9.41 -5.94 -18.73
N GLN I 103 -9.31 -5.03 -19.71
CA GLN I 103 -10.39 -4.77 -20.68
C GLN I 103 -11.68 -4.34 -20.00
N GLY I 104 -11.57 -3.62 -18.89
CA GLY I 104 -12.77 -3.17 -18.20
C GLY I 104 -13.16 -1.74 -18.55
N GLY I 105 -12.20 -0.95 -19.02
CA GLY I 105 -12.51 0.43 -19.35
C GLY I 105 -12.84 1.17 -18.07
N VAL I 106 -13.52 2.31 -18.19
CA VAL I 106 -13.89 3.12 -17.04
C VAL I 106 -15.37 3.50 -17.08
N LEU I 107 -15.90 4.00 -15.97
CA LEU I 107 -17.30 4.40 -15.95
C LEU I 107 -17.51 5.72 -16.69
N PRO I 108 -18.61 5.84 -17.44
CA PRO I 108 -18.87 7.08 -18.17
C PRO I 108 -18.94 8.22 -17.16
N ASN I 109 -18.12 9.25 -17.32
CA ASN I 109 -18.13 10.34 -16.35
C ASN I 109 -17.43 11.60 -16.85
N ILE I 110 -18.22 12.65 -17.08
CA ILE I 110 -17.70 13.93 -17.54
C ILE I 110 -17.92 15.00 -16.50
N GLN I 111 -16.85 15.65 -16.06
CA GLN I 111 -16.97 16.70 -15.06
C GLN I 111 -17.95 17.75 -15.60
N ALA I 112 -18.93 18.09 -14.77
CA ALA I 112 -19.96 19.06 -15.12
C ALA I 112 -19.42 20.32 -15.80
N VAL I 113 -18.36 20.88 -15.25
CA VAL I 113 -17.78 22.10 -15.78
C VAL I 113 -17.27 21.99 -17.22
N LEU I 114 -17.18 20.77 -17.74
CA LEU I 114 -16.71 20.59 -19.11
C LEU I 114 -17.87 20.56 -20.12
N LEU I 115 -19.09 20.39 -19.63
CA LEU I 115 -20.28 20.36 -20.50
C LEU I 115 -20.53 21.72 -21.14
N PRO I 116 -21.07 21.73 -22.37
CA PRO I 116 -21.37 22.96 -23.11
C PRO I 116 -22.18 23.99 -22.32
N LYS I 117 -21.90 25.25 -22.57
CA LYS I 117 -22.57 26.37 -21.89
C LYS I 117 -24.10 26.31 -21.97
N LYS J 30 -0.44 -32.99 -17.20
CA LYS J 30 -0.54 -31.79 -18.08
C LYS J 30 -1.31 -30.67 -17.37
N ARG J 31 -1.99 -31.06 -16.30
CA ARG J 31 -2.81 -30.20 -15.44
C ARG J 31 -2.54 -28.70 -15.27
N LYS J 32 -3.51 -28.06 -14.60
CA LYS J 32 -3.54 -26.64 -14.26
C LYS J 32 -4.86 -26.36 -13.53
N GLU J 33 -4.80 -26.21 -12.21
CA GLU J 33 -5.97 -25.96 -11.38
C GLU J 33 -6.49 -24.53 -11.44
N SER J 34 -7.81 -24.38 -11.28
CA SER J 34 -8.44 -23.07 -11.28
C SER J 34 -9.83 -23.24 -10.68
N TYR J 35 -10.47 -22.13 -10.34
CA TYR J 35 -11.79 -22.19 -9.73
C TYR J 35 -12.91 -22.06 -10.77
N ALA J 36 -12.54 -22.06 -12.04
CA ALA J 36 -13.50 -21.88 -13.13
C ALA J 36 -14.81 -22.70 -13.07
N ILE J 37 -14.74 -23.99 -12.80
CA ILE J 37 -15.96 -24.79 -12.77
C ILE J 37 -16.89 -24.38 -11.64
N TYR J 38 -16.33 -24.07 -10.47
CA TYR J 38 -17.16 -23.68 -9.35
C TYR J 38 -17.72 -22.28 -9.57
N ILE J 39 -16.92 -21.41 -10.19
CA ILE J 39 -17.40 -20.06 -10.45
C ILE J 39 -18.58 -20.15 -11.41
N TYR J 40 -18.43 -20.95 -12.46
CA TYR J 40 -19.48 -21.12 -13.45
C TYR J 40 -20.77 -21.66 -12.80
N THR J 41 -20.63 -22.67 -11.95
CA THR J 41 -21.77 -23.26 -11.24
C THR J 41 -22.47 -22.21 -10.40
N VAL J 42 -21.69 -21.39 -9.69
CA VAL J 42 -22.28 -20.33 -8.87
C VAL J 42 -22.97 -19.32 -9.76
N LEU J 43 -22.41 -19.12 -10.95
CA LEU J 43 -22.99 -18.18 -11.90
C LEU J 43 -24.42 -18.59 -12.31
N LYS J 44 -24.64 -19.90 -12.48
CA LYS J 44 -25.95 -20.40 -12.87
C LYS J 44 -27.00 -20.35 -11.78
N GLN J 45 -26.56 -20.32 -10.54
CA GLN J 45 -27.52 -20.23 -9.43
C GLN J 45 -28.05 -18.81 -9.39
N VAL J 46 -27.17 -17.85 -9.66
CA VAL J 46 -27.53 -16.45 -9.64
C VAL J 46 -28.21 -16.00 -10.95
N HIS J 47 -27.71 -16.50 -12.07
CA HIS J 47 -28.28 -16.15 -13.38
C HIS J 47 -28.27 -17.40 -14.25
N PRO J 48 -29.32 -18.23 -14.12
CA PRO J 48 -29.43 -19.47 -14.88
C PRO J 48 -29.26 -19.32 -16.38
N ASP J 49 -29.62 -18.16 -16.93
CA ASP J 49 -29.53 -17.96 -18.37
C ASP J 49 -28.41 -17.04 -18.85
N THR J 50 -27.39 -16.83 -18.03
CA THR J 50 -26.28 -15.97 -18.40
C THR J 50 -24.97 -16.72 -18.59
N GLY J 51 -24.20 -16.32 -19.59
CA GLY J 51 -22.92 -16.96 -19.86
C GLY J 51 -21.79 -16.05 -19.41
N ILE J 52 -20.56 -16.50 -19.57
CA ILE J 52 -19.41 -15.71 -19.17
C ILE J 52 -18.27 -16.03 -20.12
N SER J 53 -17.62 -14.99 -20.63
CA SER J 53 -16.51 -15.19 -21.57
C SER J 53 -15.26 -15.74 -20.85
N SER J 54 -14.28 -16.18 -21.64
CA SER J 54 -13.04 -16.71 -21.09
C SER J 54 -12.28 -15.68 -20.29
N LYS J 55 -12.09 -14.50 -20.87
CA LYS J 55 -11.38 -13.42 -20.19
C LYS J 55 -12.08 -13.07 -18.88
N ALA J 56 -13.41 -12.97 -18.91
CA ALA J 56 -14.17 -12.66 -17.71
C ALA J 56 -13.97 -13.75 -16.66
N MET J 57 -13.88 -14.99 -17.12
CA MET J 57 -13.68 -16.11 -16.20
C MET J 57 -12.27 -16.01 -15.58
N SER J 58 -11.32 -15.55 -16.38
CA SER J 58 -9.95 -15.42 -15.86
C SER J 58 -9.92 -14.34 -14.78
N ILE J 59 -10.67 -13.27 -15.00
CA ILE J 59 -10.76 -12.18 -14.03
C ILE J 59 -11.39 -12.71 -12.75
N MET J 60 -12.48 -13.47 -12.87
CA MET J 60 -13.14 -14.03 -11.68
C MET J 60 -12.19 -14.94 -10.92
N ASN J 61 -11.40 -15.72 -11.65
CA ASN J 61 -10.44 -16.61 -11.01
C ASN J 61 -9.39 -15.78 -10.22
N SER J 62 -8.88 -14.71 -10.84
CA SER J 62 -7.92 -13.83 -10.16
C SER J 62 -8.55 -13.27 -8.90
N PHE J 63 -9.81 -12.84 -9.01
CA PHE J 63 -10.55 -12.29 -7.87
C PHE J 63 -10.62 -13.29 -6.71
N VAL J 64 -11.02 -14.53 -7.01
CA VAL J 64 -11.14 -15.55 -5.97
C VAL J 64 -9.77 -15.84 -5.31
N ASN J 65 -8.72 -15.89 -6.13
CA ASN J 65 -7.38 -16.13 -5.60
C ASN J 65 -6.91 -14.95 -4.76
N ASP J 66 -7.22 -13.74 -5.23
CA ASP J 66 -6.83 -12.52 -4.52
C ASP J 66 -7.47 -12.58 -3.14
N ILE J 67 -8.77 -12.87 -3.10
CA ILE J 67 -9.49 -12.95 -1.83
C ILE J 67 -8.91 -14.00 -0.88
N PHE J 68 -8.63 -15.19 -1.42
CA PHE J 68 -8.05 -16.26 -0.62
C PHE J 68 -6.76 -15.79 0.03
N GLU J 69 -5.87 -15.23 -0.79
CA GLU J 69 -4.56 -14.75 -0.30
C GLU J 69 -4.67 -13.65 0.74
N ARG J 70 -5.53 -12.67 0.51
CA ARG J 70 -5.65 -11.60 1.50
C ARG J 70 -6.13 -12.15 2.85
N ILE J 71 -7.17 -12.97 2.83
CA ILE J 71 -7.70 -13.53 4.07
C ILE J 71 -6.69 -14.44 4.76
N ALA J 72 -6.08 -15.33 3.98
CA ALA J 72 -5.10 -16.25 4.54
C ALA J 72 -3.92 -15.50 5.16
N ALA J 73 -3.46 -14.44 4.49
CA ALA J 73 -2.32 -13.70 5.04
C ALA J 73 -2.70 -12.98 6.32
N GLU J 74 -3.88 -12.37 6.38
CA GLU J 74 -4.30 -11.69 7.60
C GLU J 74 -4.45 -12.70 8.77
N ALA J 75 -5.04 -13.87 8.51
CA ALA J 75 -5.20 -14.90 9.55
C ALA J 75 -3.81 -15.37 10.00
N SER J 76 -2.89 -15.48 9.06
CA SER J 76 -1.52 -15.86 9.38
C SER J 76 -0.98 -14.86 10.41
N ARG J 77 -1.11 -13.57 10.12
CA ARG J 77 -0.65 -12.54 11.05
C ARG J 77 -1.39 -12.64 12.39
N LEU J 78 -2.72 -12.72 12.35
CA LEU J 78 -3.49 -12.85 13.59
C LEU J 78 -2.96 -13.97 14.49
N ALA J 79 -2.72 -15.15 13.91
CA ALA J 79 -2.21 -16.27 14.70
C ALA J 79 -0.80 -15.99 15.22
N HIS J 80 0.04 -15.36 14.38
CA HIS J 80 1.39 -15.06 14.80
C HIS J 80 1.44 -14.02 15.92
N TYR J 81 0.60 -12.98 15.82
CA TYR J 81 0.57 -11.94 16.85
C TYR J 81 0.19 -12.51 18.21
N ASN J 82 -0.72 -13.47 18.21
CA ASN J 82 -1.18 -14.07 19.45
C ASN J 82 -0.46 -15.37 19.81
N LYS J 83 0.70 -15.57 19.20
CA LYS J 83 1.52 -16.76 19.44
C LYS J 83 0.72 -18.06 19.40
N ARG J 84 -0.06 -18.21 18.35
CA ARG J 84 -0.87 -19.39 18.11
C ARG J 84 -0.27 -20.13 16.93
N SER J 85 -0.26 -21.46 17.01
CA SER J 85 0.30 -22.28 15.93
C SER J 85 -0.75 -22.63 14.90
N THR J 86 -2.02 -22.49 15.28
CA THR J 86 -3.11 -22.89 14.40
C THR J 86 -4.00 -21.78 13.85
N ILE J 87 -4.39 -21.94 12.59
CA ILE J 87 -5.31 -21.00 11.95
C ILE J 87 -6.67 -21.69 12.00
N THR J 88 -7.58 -21.12 12.79
CA THR J 88 -8.91 -21.69 12.94
C THR J 88 -9.95 -20.77 12.32
N SER J 89 -11.19 -21.25 12.28
CA SER J 89 -12.29 -20.49 11.72
C SER J 89 -12.35 -19.10 12.37
N ARG J 90 -11.93 -19.02 13.63
CA ARG J 90 -11.94 -17.75 14.33
C ARG J 90 -10.98 -16.70 13.71
N GLU J 91 -9.81 -17.14 13.24
CA GLU J 91 -8.85 -16.23 12.61
C GLU J 91 -9.40 -15.78 11.27
N ILE J 92 -10.04 -16.71 10.55
CA ILE J 92 -10.62 -16.40 9.25
C ILE J 92 -11.67 -15.32 9.42
N GLN J 93 -12.49 -15.47 10.46
CA GLN J 93 -13.56 -14.51 10.75
C GLN J 93 -13.04 -13.10 11.05
N THR J 94 -12.08 -13.01 11.96
CA THR J 94 -11.53 -11.71 12.31
C THR J 94 -10.88 -11.09 11.08
N ALA J 95 -10.17 -11.90 10.30
CA ALA J 95 -9.52 -11.41 9.08
C ALA J 95 -10.58 -10.85 8.16
N VAL J 96 -11.71 -11.56 8.05
CA VAL J 96 -12.80 -11.11 7.21
C VAL J 96 -13.30 -9.74 7.65
N ARG J 97 -13.52 -9.58 8.95
CA ARG J 97 -13.99 -8.30 9.46
C ARG J 97 -13.00 -7.18 9.21
N LEU J 98 -11.71 -7.52 9.24
CA LEU J 98 -10.66 -6.53 9.01
C LEU J 98 -10.56 -6.15 7.53
N LEU J 99 -10.79 -7.14 6.67
CA LEU J 99 -10.65 -6.93 5.22
C LEU J 99 -11.85 -6.49 4.38
N LEU J 100 -13.06 -6.88 4.77
CA LEU J 100 -14.21 -6.49 3.97
C LEU J 100 -14.95 -5.29 4.55
N PRO J 101 -15.50 -4.43 3.66
CA PRO J 101 -16.25 -3.24 4.09
C PRO J 101 -17.56 -3.66 4.74
N GLY J 102 -17.98 -2.87 5.72
CA GLY J 102 -19.21 -3.12 6.47
C GLY J 102 -20.19 -4.23 6.13
N GLU J 103 -21.10 -3.95 5.20
CA GLU J 103 -22.13 -4.93 4.83
C GLU J 103 -21.57 -6.24 4.29
N LEU J 104 -20.58 -6.14 3.41
CA LEU J 104 -19.95 -7.30 2.81
C LEU J 104 -19.45 -8.22 3.92
N ALA J 105 -18.81 -7.64 4.93
CA ALA J 105 -18.27 -8.41 6.04
C ALA J 105 -19.40 -9.12 6.78
N LYS J 106 -20.45 -8.36 7.05
CA LYS J 106 -21.63 -8.85 7.75
C LYS J 106 -22.13 -10.16 7.14
N HIS J 107 -22.36 -10.14 5.84
CA HIS J 107 -22.86 -11.31 5.12
C HIS J 107 -21.81 -12.41 4.99
N ALA J 108 -20.55 -12.03 4.74
CA ALA J 108 -19.51 -13.02 4.61
C ALA J 108 -19.40 -13.78 5.93
N VAL J 109 -19.51 -13.04 7.03
CA VAL J 109 -19.44 -13.66 8.35
C VAL J 109 -20.59 -14.65 8.55
N SER J 110 -21.79 -14.25 8.14
CA SER J 110 -22.95 -15.12 8.29
C SER J 110 -22.80 -16.36 7.41
N GLU J 111 -22.37 -16.16 6.17
CA GLU J 111 -22.18 -17.28 5.26
C GLU J 111 -21.12 -18.23 5.81
N GLY J 112 -20.06 -17.66 6.37
CA GLY J 112 -19.00 -18.49 6.91
C GLY J 112 -19.47 -19.31 8.09
N THR J 113 -20.12 -18.63 9.04
CA THR J 113 -20.61 -19.29 10.24
C THR J 113 -21.62 -20.37 9.90
N LYS J 114 -22.45 -20.12 8.89
CA LYS J 114 -23.46 -21.07 8.46
C LYS J 114 -22.86 -22.34 7.86
N ALA J 115 -21.79 -22.19 7.08
CA ALA J 115 -21.15 -23.36 6.47
C ALA J 115 -20.45 -24.21 7.53
N VAL J 116 -19.84 -23.56 8.51
CA VAL J 116 -19.16 -24.30 9.56
C VAL J 116 -20.21 -25.02 10.39
N THR J 117 -21.32 -24.33 10.69
CA THR J 117 -22.39 -24.93 11.46
C THR J 117 -22.91 -26.17 10.72
N LYS J 118 -23.32 -25.97 9.47
CA LYS J 118 -23.85 -27.07 8.67
C LYS J 118 -22.82 -28.18 8.52
N TYR J 119 -21.55 -27.83 8.54
CA TYR J 119 -20.48 -28.82 8.40
C TYR J 119 -20.36 -29.67 9.66
N THR J 120 -20.48 -29.02 10.81
CA THR J 120 -20.37 -29.69 12.10
C THR J 120 -21.62 -30.50 12.42
N SER J 121 -22.77 -29.98 12.02
CA SER J 121 -24.05 -30.65 12.25
C SER J 121 -24.24 -31.77 11.24
N SER J 122 -23.28 -32.69 11.21
CA SER J 122 -23.32 -33.83 10.28
C SER J 122 -22.01 -34.59 10.33
#